data_8OTN
#
_entry.id   8OTN
#
_cell.length_a   70.156
_cell.length_b   91.184
_cell.length_c   164.219
_cell.angle_alpha   90
_cell.angle_beta   90
_cell.angle_gamma   90
#
_symmetry.space_group_name_H-M   'P 21 21 21'
#
loop_
_entity.id
_entity.type
_entity.pdbx_description
1 polymer 'Enoyl-[acyl-carrier-protein] reductase [NADH]'
2 non-polymer NICOTINAMIDE-ADENINE-DINUCLEOTIDE
3 non-polymer 4-methyl-7-[[1-[(3-oxidanyl-4-phenoxy-phenyl)methyl]-1,2,3-triazol-4-yl]methoxy]chromen-2-one
4 water water
#
_entity_poly.entity_id   1
_entity_poly.type   'polypeptide(L)'
_entity_poly.pdbx_seq_one_letter_code
;GSHMTGLLDGKRILVSGIITDSSIAFHIARVAQEQGAQLVLTGFDRLRLIQRITDRLPAKAPLLELDVQNEEHLASLAGR
VTEAIGAGNKLDGVVHSIGFMPQTGMGINPFFDAPYADVSKGIHISAYSYASMAKALLPIMNPGGSIVGMDFDPSRAMPA
YNWMTVAKSALESVNRFVAREAGKYGVRSNLVAAGPIRTLAMSAIVGGALGEEAGAQIQLLEEGWDQRAPIGWNMKDATP
VAKTVCALLSDWLPATTGDIIYADGGAHTQLL
;
_entity_poly.pdbx_strand_id   A,B,C,D
#
loop_
_chem_comp.id
_chem_comp.type
_chem_comp.name
_chem_comp.formula
NAD non-polymer NICOTINAMIDE-ADENINE-DINUCLEOTIDE 'C21 H27 N7 O14 P2'
VZR non-polymer 4-methyl-7-[[1-[(3-oxidanyl-4-phenoxy-phenyl)methyl]-1,2,3-triazol-4-yl]methoxy]chromen-2-one 'C26 H21 N3 O5'
#
# COMPACT_ATOMS: atom_id res chain seq x y z
N GLY A 6 24.78 12.26 -22.74
CA GLY A 6 25.01 10.94 -22.18
C GLY A 6 24.54 10.82 -20.74
N LEU A 7 23.33 10.31 -20.54
CA LEU A 7 22.77 10.15 -19.20
C LEU A 7 23.63 9.24 -18.32
N LEU A 8 24.28 8.23 -18.92
CA LEU A 8 25.13 7.27 -18.21
C LEU A 8 26.58 7.34 -18.69
N ASP A 9 27.01 8.51 -19.17
CA ASP A 9 28.33 8.71 -19.73
C ASP A 9 29.44 8.31 -18.77
N GLY A 10 30.26 7.36 -19.19
CA GLY A 10 31.38 6.91 -18.37
C GLY A 10 31.04 5.83 -17.36
N LYS A 11 29.74 5.63 -17.09
CA LYS A 11 29.33 4.61 -16.13
C LYS A 11 29.61 3.20 -16.64
N ARG A 12 30.09 2.32 -15.78
CA ARG A 12 30.34 0.93 -16.14
C ARG A 12 29.17 0.15 -15.58
N ILE A 13 28.41 -0.50 -16.45
CA ILE A 13 27.18 -1.15 -16.01
C ILE A 13 27.09 -2.62 -16.41
N LEU A 14 26.80 -3.48 -15.44
CA LEU A 14 26.63 -4.88 -15.72
C LEU A 14 25.14 -5.09 -16.00
N VAL A 15 24.79 -5.68 -17.14
CA VAL A 15 23.39 -5.94 -17.46
C VAL A 15 23.24 -7.44 -17.65
N SER A 16 22.35 -8.04 -16.87
CA SER A 16 22.05 -9.46 -17.02
C SER A 16 20.67 -9.62 -17.69
N GLY A 17 20.38 -10.81 -18.21
CA GLY A 17 19.06 -11.11 -18.74
C GLY A 17 18.78 -11.06 -20.22
N ILE A 18 19.82 -10.86 -21.06
CA ILE A 18 19.58 -10.90 -22.50
C ILE A 18 19.51 -12.36 -22.90
N ILE A 19 18.38 -12.74 -23.54
CA ILE A 19 18.16 -14.05 -24.12
C ILE A 19 17.85 -13.87 -25.60
N THR A 20 17.04 -12.86 -25.97
CA THR A 20 16.74 -12.51 -27.37
C THR A 20 16.78 -10.95 -27.53
N ASP A 21 16.65 -10.40 -28.77
CA ASP A 21 16.62 -8.95 -28.91
C ASP A 21 15.26 -8.35 -28.41
N SER A 22 14.29 -9.19 -28.03
CA SER A 22 13.03 -8.73 -27.43
C SER A 22 13.17 -8.60 -25.91
N SER A 23 14.20 -9.21 -25.27
CA SER A 23 14.41 -9.14 -23.83
C SER A 23 14.39 -7.72 -23.34
N ILE A 24 13.84 -7.46 -22.15
CA ILE A 24 13.87 -6.11 -21.60
C ILE A 24 15.34 -5.69 -21.38
N ALA A 25 16.21 -6.65 -20.95
CA ALA A 25 17.64 -6.39 -20.78
C ALA A 25 18.32 -6.00 -22.05
N PHE A 26 17.86 -6.50 -23.21
CA PHE A 26 18.48 -6.09 -24.49
C PHE A 26 18.25 -4.61 -24.69
N HIS A 27 17.01 -4.15 -24.43
CA HIS A 27 16.68 -2.75 -24.61
C HIS A 27 17.30 -1.88 -23.56
N ILE A 28 17.48 -2.40 -22.33
CA ILE A 28 18.17 -1.67 -21.27
C ILE A 28 19.61 -1.42 -21.75
N ALA A 29 20.29 -2.49 -22.20
CA ALA A 29 21.63 -2.42 -22.74
C ALA A 29 21.72 -1.47 -23.92
N ARG A 30 20.77 -1.52 -24.88
CA ARG A 30 20.80 -0.63 -26.05
C ARG A 30 20.68 0.84 -25.63
N VAL A 31 19.69 1.16 -24.78
CA VAL A 31 19.49 2.53 -24.31
C VAL A 31 20.69 2.98 -23.48
N ALA A 32 21.22 2.10 -22.62
CA ALA A 32 22.38 2.40 -21.79
C ALA A 32 23.61 2.70 -22.64
N GLN A 33 23.86 1.90 -23.69
CA GLN A 33 24.98 2.20 -24.59
C GLN A 33 24.73 3.50 -25.34
N GLU A 34 23.51 3.73 -25.86
CA GLU A 34 23.20 5.02 -26.53
C GLU A 34 23.49 6.22 -25.60
N GLN A 35 23.36 6.01 -24.26
CA GLN A 35 23.62 7.03 -23.26
C GLN A 35 25.04 7.06 -22.71
N GLY A 36 25.98 6.40 -23.39
CA GLY A 36 27.37 6.41 -22.99
C GLY A 36 27.87 5.40 -21.98
N ALA A 37 27.01 4.45 -21.54
CA ALA A 37 27.49 3.45 -20.59
C ALA A 37 28.40 2.44 -21.26
N GLN A 38 29.36 1.95 -20.52
CA GLN A 38 30.23 0.89 -20.98
C GLN A 38 29.67 -0.34 -20.29
N LEU A 39 29.29 -1.37 -21.06
CA LEU A 39 28.62 -2.51 -20.46
C LEU A 39 29.42 -3.81 -20.38
N VAL A 40 29.05 -4.61 -19.40
CA VAL A 40 29.45 -5.99 -19.25
C VAL A 40 28.10 -6.72 -19.28
N LEU A 41 27.96 -7.71 -20.13
CA LEU A 41 26.69 -8.43 -20.25
C LEU A 41 26.83 -9.81 -19.68
N THR A 42 25.79 -10.30 -18.98
CA THR A 42 25.80 -11.67 -18.50
C THR A 42 24.65 -12.41 -19.14
N GLY A 43 24.93 -13.62 -19.57
CA GLY A 43 23.96 -14.47 -20.24
C GLY A 43 23.91 -15.85 -19.63
N PHE A 44 22.78 -16.54 -19.80
CA PHE A 44 22.58 -17.88 -19.26
C PHE A 44 22.25 -18.88 -20.34
N ASP A 45 22.88 -20.06 -20.22
CA ASP A 45 22.70 -21.26 -21.04
C ASP A 45 23.29 -21.13 -22.43
N ARG A 46 22.57 -20.54 -23.41
CA ARG A 46 23.06 -20.46 -24.76
C ARG A 46 23.90 -19.22 -25.00
N LEU A 47 25.09 -19.18 -24.38
CA LEU A 47 26.01 -18.04 -24.49
C LEU A 47 26.43 -17.75 -25.93
N ARG A 48 26.50 -18.79 -26.78
CA ARG A 48 26.86 -18.63 -28.18
C ARG A 48 25.72 -17.96 -28.96
N LEU A 49 24.45 -18.29 -28.62
CA LEU A 49 23.32 -17.62 -29.26
C LEU A 49 23.20 -16.19 -28.73
N ILE A 50 23.35 -16.01 -27.39
CA ILE A 50 23.31 -14.67 -26.78
C ILE A 50 24.40 -13.78 -27.37
N GLN A 51 25.59 -14.34 -27.60
CA GLN A 51 26.71 -13.63 -28.23
C GLN A 51 26.32 -13.05 -29.58
N ARG A 52 25.60 -13.85 -30.39
CA ARG A 52 25.10 -13.44 -31.69
C ARG A 52 24.13 -12.27 -31.56
N ILE A 53 23.27 -12.31 -30.53
CA ILE A 53 22.28 -11.28 -30.27
C ILE A 53 22.95 -9.99 -29.84
N THR A 54 23.83 -10.06 -28.83
CA THR A 54 24.55 -8.92 -28.29
C THR A 54 25.46 -8.26 -29.32
N ASP A 55 25.87 -8.96 -30.39
CA ASP A 55 26.59 -8.34 -31.49
C ASP A 55 25.73 -7.27 -32.20
N ARG A 56 24.39 -7.31 -32.04
CA ARG A 56 23.44 -6.36 -32.63
C ARG A 56 23.19 -5.13 -31.74
N LEU A 57 23.84 -5.06 -30.56
CA LEU A 57 23.77 -3.90 -29.68
C LEU A 57 24.57 -2.76 -30.34
N PRO A 58 24.35 -1.49 -29.95
CA PRO A 58 25.08 -0.39 -30.59
C PRO A 58 26.60 -0.44 -30.45
N ALA A 59 27.12 -1.07 -29.40
CA ALA A 59 28.57 -1.16 -29.19
C ALA A 59 28.98 -2.50 -28.61
N LYS A 60 30.24 -2.88 -28.83
CA LYS A 60 30.83 -4.13 -28.31
C LYS A 60 30.82 -4.13 -26.80
N ALA A 61 30.61 -5.28 -26.21
CA ALA A 61 30.60 -5.42 -24.76
C ALA A 61 30.95 -6.84 -24.40
N PRO A 62 31.81 -7.03 -23.41
CA PRO A 62 32.15 -8.41 -23.02
C PRO A 62 30.92 -9.16 -22.50
N LEU A 63 30.82 -10.44 -22.84
CA LEU A 63 29.73 -11.29 -22.43
C LEU A 63 30.30 -12.35 -21.52
N LEU A 64 29.74 -12.42 -20.33
CA LEU A 64 30.16 -13.32 -19.27
C LEU A 64 29.03 -14.28 -18.99
N GLU A 65 29.36 -15.54 -18.73
CA GLU A 65 28.36 -16.55 -18.41
C GLU A 65 27.95 -16.37 -16.95
N LEU A 66 26.65 -16.36 -16.71
CA LEU A 66 26.13 -16.27 -15.36
C LEU A 66 24.81 -17.04 -15.24
N ASP A 67 24.86 -18.19 -14.56
CA ASP A 67 23.69 -18.96 -14.17
C ASP A 67 23.58 -18.58 -12.67
N VAL A 68 22.54 -17.85 -12.27
CA VAL A 68 22.38 -17.43 -10.88
C VAL A 68 22.13 -18.59 -9.91
N GLN A 69 21.84 -19.79 -10.43
CA GLN A 69 21.72 -20.99 -9.59
C GLN A 69 23.08 -21.68 -9.42
N ASN A 70 24.15 -21.18 -10.06
CA ASN A 70 25.46 -21.79 -10.01
C ASN A 70 26.32 -20.99 -9.05
N GLU A 71 26.63 -21.60 -7.89
CA GLU A 71 27.42 -20.93 -6.87
C GLU A 71 28.85 -20.58 -7.36
N GLU A 72 29.44 -21.37 -8.26
CA GLU A 72 30.78 -21.06 -8.78
C GLU A 72 30.75 -19.88 -9.76
N HIS A 73 29.68 -19.76 -10.53
CA HIS A 73 29.51 -18.62 -11.44
C HIS A 73 29.43 -17.32 -10.63
N LEU A 74 28.67 -17.34 -9.50
CA LEU A 74 28.48 -16.24 -8.58
C LEU A 74 29.78 -15.92 -7.83
N ALA A 75 30.49 -16.93 -7.30
CA ALA A 75 31.72 -16.69 -6.56
C ALA A 75 32.82 -16.10 -7.43
N SER A 76 32.89 -16.49 -8.70
CA SER A 76 33.94 -15.97 -9.60
C SER A 76 33.50 -14.71 -10.37
N LEU A 77 32.23 -14.30 -10.23
CA LEU A 77 31.66 -13.20 -10.97
C LEU A 77 32.43 -11.90 -10.86
N ALA A 78 32.65 -11.34 -9.65
CA ALA A 78 33.37 -10.08 -9.51
C ALA A 78 34.74 -10.09 -10.16
N GLY A 79 35.41 -11.23 -10.09
CA GLY A 79 36.72 -11.43 -10.70
C GLY A 79 36.63 -11.40 -12.21
N ARG A 80 35.61 -12.07 -12.77
CA ARG A 80 35.41 -12.08 -14.22
C ARG A 80 34.96 -10.72 -14.76
N VAL A 81 34.20 -9.96 -13.97
CA VAL A 81 33.78 -8.63 -14.36
C VAL A 81 35.00 -7.69 -14.32
N THR A 82 35.81 -7.80 -13.25
CA THR A 82 37.01 -6.98 -13.11
C THR A 82 37.99 -7.20 -14.25
N GLU A 83 38.20 -8.44 -14.72
CA GLU A 83 39.10 -8.64 -15.85
C GLU A 83 38.50 -8.09 -17.15
N ALA A 84 37.18 -8.10 -17.28
CA ALA A 84 36.50 -7.57 -18.45
C ALA A 84 36.58 -6.03 -18.51
N ILE A 85 36.40 -5.33 -17.36
CA ILE A 85 36.46 -3.86 -17.33
C ILE A 85 37.87 -3.28 -17.02
N GLY A 86 38.77 -4.12 -16.54
CA GLY A 86 40.13 -3.73 -16.19
C GLY A 86 40.30 -3.58 -14.69
N ALA A 87 41.50 -3.89 -14.20
CA ALA A 87 41.83 -3.77 -12.77
C ALA A 87 41.79 -2.30 -12.38
N GLY A 88 41.26 -2.03 -11.20
CA GLY A 88 41.13 -0.65 -10.73
C GLY A 88 39.78 -0.03 -11.02
N ASN A 89 39.06 -0.59 -11.98
CA ASN A 89 37.74 -0.09 -12.34
C ASN A 89 36.68 -0.85 -11.60
N LYS A 90 35.68 -0.13 -11.18
CA LYS A 90 34.54 -0.70 -10.49
C LYS A 90 33.24 -0.42 -11.28
N LEU A 91 32.17 -1.13 -10.93
CA LEU A 91 30.88 -0.96 -11.59
C LEU A 91 30.14 0.17 -10.93
N ASP A 92 29.42 0.91 -11.72
CA ASP A 92 28.53 1.95 -11.23
C ASP A 92 27.06 1.45 -11.25
N GLY A 93 26.73 0.45 -12.08
CA GLY A 93 25.37 -0.07 -12.15
C GLY A 93 25.29 -1.56 -12.37
N VAL A 94 24.22 -2.18 -11.86
CA VAL A 94 23.95 -3.60 -12.02
C VAL A 94 22.47 -3.75 -12.39
N VAL A 95 22.15 -4.41 -13.50
CA VAL A 95 20.78 -4.64 -13.92
C VAL A 95 20.47 -6.10 -13.78
N HIS A 96 19.47 -6.41 -12.99
CA HIS A 96 18.98 -7.76 -12.80
C HIS A 96 17.70 -7.82 -13.62
N SER A 97 17.71 -8.53 -14.71
CA SER A 97 16.52 -8.65 -15.56
C SER A 97 16.43 -10.13 -15.85
N ILE A 98 16.26 -10.90 -14.78
CA ILE A 98 16.24 -12.34 -14.79
C ILE A 98 14.97 -12.84 -14.13
N GLY A 99 14.33 -13.81 -14.78
CA GLY A 99 13.13 -14.42 -14.24
C GLY A 99 12.95 -15.83 -14.78
N PHE A 100 12.33 -16.66 -13.96
CA PHE A 100 12.00 -18.01 -14.37
C PHE A 100 10.98 -18.59 -13.46
N MET A 101 10.06 -19.33 -14.03
CA MET A 101 9.12 -20.11 -13.26
C MET A 101 8.73 -21.30 -14.13
N PRO A 102 8.82 -22.54 -13.63
CA PRO A 102 8.34 -23.69 -14.41
C PRO A 102 6.89 -23.50 -14.87
N GLN A 103 6.52 -24.07 -16.02
CA GLN A 103 5.18 -23.90 -16.56
C GLN A 103 4.09 -24.40 -15.59
N THR A 104 4.41 -25.35 -14.69
CA THR A 104 3.46 -25.86 -13.69
C THR A 104 3.02 -24.78 -12.70
N GLY A 105 3.85 -23.78 -12.47
CA GLY A 105 3.49 -22.67 -11.59
C GLY A 105 2.93 -21.46 -12.35
N MET A 106 2.44 -21.67 -13.60
CA MET A 106 1.93 -20.59 -14.46
C MET A 106 0.68 -21.01 -15.28
N GLY A 107 0.01 -20.01 -15.89
CA GLY A 107 -1.09 -20.17 -16.84
C GLY A 107 -2.34 -20.87 -16.38
N ILE A 108 -2.82 -21.81 -17.18
CA ILE A 108 -4.00 -22.60 -16.81
C ILE A 108 -3.67 -23.78 -15.90
N ASN A 109 -2.37 -24.04 -15.62
CA ASN A 109 -2.00 -25.14 -14.72
C ASN A 109 -2.46 -24.76 -13.31
N PRO A 110 -3.28 -25.59 -12.65
CA PRO A 110 -3.84 -25.20 -11.34
C PRO A 110 -2.78 -24.74 -10.33
N PHE A 111 -3.02 -23.58 -9.71
CA PHE A 111 -2.15 -22.98 -8.71
C PHE A 111 -1.70 -23.97 -7.62
N PHE A 112 -2.62 -24.75 -7.08
CA PHE A 112 -2.34 -25.73 -6.03
C PHE A 112 -1.53 -26.95 -6.49
N ASP A 113 -1.55 -27.21 -7.78
CA ASP A 113 -0.88 -28.37 -8.33
C ASP A 113 0.61 -28.16 -8.55
N ALA A 114 1.12 -26.93 -8.48
CA ALA A 114 2.56 -26.68 -8.69
C ALA A 114 3.35 -27.25 -7.53
N PRO A 115 4.21 -28.23 -7.80
CA PRO A 115 5.04 -28.78 -6.70
C PRO A 115 6.05 -27.75 -6.20
N TYR A 116 6.38 -27.80 -4.90
CA TYR A 116 7.34 -26.87 -4.33
C TYR A 116 8.74 -26.89 -5.03
N ALA A 117 9.17 -28.02 -5.59
CA ALA A 117 10.44 -28.09 -6.31
C ALA A 117 10.45 -27.08 -7.49
N ASP A 118 9.31 -27.01 -8.19
CA ASP A 118 9.13 -26.11 -9.31
C ASP A 118 9.08 -24.68 -8.81
N VAL A 119 8.20 -24.37 -7.84
CA VAL A 119 8.04 -23.04 -7.27
C VAL A 119 9.34 -22.51 -6.70
N SER A 120 10.06 -23.35 -5.96
CA SER A 120 11.32 -23.00 -5.32
C SER A 120 12.39 -22.64 -6.36
N LYS A 121 12.44 -23.33 -7.49
CA LYS A 121 13.41 -23.00 -8.55
C LYS A 121 13.08 -21.60 -9.11
N GLY A 122 11.80 -21.34 -9.33
CA GLY A 122 11.37 -20.03 -9.81
C GLY A 122 11.70 -18.92 -8.84
N ILE A 123 11.52 -19.16 -7.53
CA ILE A 123 11.82 -18.17 -6.49
C ILE A 123 13.34 -17.94 -6.41
N HIS A 124 14.13 -19.01 -6.56
CA HIS A 124 15.58 -18.96 -6.55
C HIS A 124 16.07 -18.05 -7.67
N ILE A 125 15.64 -18.29 -8.89
CA ILE A 125 16.08 -17.50 -10.05
C ILE A 125 15.52 -16.09 -10.06
N SER A 126 14.21 -15.95 -9.78
CA SER A 126 13.51 -14.68 -9.89
C SER A 126 13.63 -13.74 -8.70
N ALA A 127 13.89 -14.27 -7.49
CA ALA A 127 13.93 -13.42 -6.31
C ALA A 127 15.21 -13.55 -5.51
N TYR A 128 15.59 -14.77 -5.10
CA TYR A 128 16.82 -14.97 -4.31
C TYR A 128 18.05 -14.47 -5.11
N SER A 129 18.06 -14.71 -6.43
CA SER A 129 19.17 -14.28 -7.28
C SER A 129 19.45 -12.78 -7.25
N TYR A 130 18.47 -11.95 -6.84
CA TYR A 130 18.69 -10.52 -6.73
C TYR A 130 19.63 -10.23 -5.55
N ALA A 131 19.46 -10.99 -4.43
CA ALA A 131 20.35 -10.86 -3.29
C ALA A 131 21.71 -11.45 -3.61
N SER A 132 21.74 -12.61 -4.28
N SER A 132 21.74 -12.61 -4.30
CA SER A 132 23.00 -13.27 -4.63
CA SER A 132 22.97 -13.29 -4.63
C SER A 132 23.83 -12.50 -5.64
C SER A 132 23.82 -12.50 -5.62
N MET A 133 23.18 -11.78 -6.55
CA MET A 133 23.88 -10.96 -7.52
C MET A 133 24.43 -9.71 -6.83
N ALA A 134 23.66 -9.12 -5.90
CA ALA A 134 24.10 -7.97 -5.13
C ALA A 134 25.27 -8.38 -4.23
N LYS A 135 25.21 -9.56 -3.62
CA LYS A 135 26.28 -10.05 -2.77
C LYS A 135 27.57 -10.24 -3.57
N ALA A 136 27.47 -10.73 -4.80
CA ALA A 136 28.64 -10.96 -5.64
C ALA A 136 29.18 -9.67 -6.25
N LEU A 137 28.31 -8.67 -6.53
CA LEU A 137 28.77 -7.48 -7.22
C LEU A 137 29.01 -6.23 -6.35
N LEU A 138 28.39 -6.10 -5.17
CA LEU A 138 28.67 -4.96 -4.27
C LEU A 138 30.17 -4.79 -3.97
N PRO A 139 30.97 -5.87 -3.76
CA PRO A 139 32.41 -5.66 -3.54
C PRO A 139 33.12 -4.98 -4.71
N ILE A 140 32.50 -4.88 -5.88
CA ILE A 140 33.08 -4.18 -7.01
C ILE A 140 32.18 -3.04 -7.51
N MET A 141 31.39 -2.46 -6.62
CA MET A 141 30.54 -1.33 -6.97
C MET A 141 31.06 -0.04 -6.33
N ASN A 142 31.09 1.03 -7.11
CA ASN A 142 31.48 2.37 -6.68
C ASN A 142 30.38 3.00 -5.80
N PRO A 143 30.72 3.89 -4.83
CA PRO A 143 29.66 4.62 -4.11
C PRO A 143 28.90 5.50 -5.12
N GLY A 144 27.61 5.62 -4.92
CA GLY A 144 26.75 6.32 -5.86
C GLY A 144 26.17 5.41 -6.93
N GLY A 145 26.56 4.13 -6.91
CA GLY A 145 26.11 3.11 -7.84
C GLY A 145 24.65 2.75 -7.66
N SER A 146 24.14 1.93 -8.57
CA SER A 146 22.73 1.59 -8.57
C SER A 146 22.45 0.16 -9.03
N ILE A 147 21.65 -0.56 -8.28
CA ILE A 147 21.24 -1.91 -8.65
C ILE A 147 19.78 -1.84 -9.02
N VAL A 148 19.40 -2.37 -10.19
CA VAL A 148 18.00 -2.31 -10.63
C VAL A 148 17.52 -3.70 -10.98
N GLY A 149 16.40 -4.12 -10.43
CA GLY A 149 15.80 -5.40 -10.76
C GLY A 149 14.45 -5.20 -11.46
N MET A 150 13.99 -6.17 -12.23
CA MET A 150 12.72 -6.06 -12.93
C MET A 150 11.63 -6.71 -12.15
N ASP A 151 10.54 -6.03 -11.96
CA ASP A 151 9.40 -6.51 -11.21
C ASP A 151 8.12 -6.39 -12.07
N PHE A 152 7.11 -7.14 -11.72
CA PHE A 152 5.78 -7.05 -12.31
C PHE A 152 4.91 -7.02 -11.07
N ASP A 153 4.25 -5.89 -10.86
CA ASP A 153 3.44 -5.62 -9.67
C ASP A 153 2.64 -6.81 -9.13
N PRO A 154 3.06 -7.34 -7.97
CA PRO A 154 2.37 -8.50 -7.39
C PRO A 154 1.48 -8.15 -6.20
N SER A 155 1.05 -6.88 -6.06
CA SER A 155 0.21 -6.47 -4.93
CA SER A 155 0.21 -6.47 -4.93
C SER A 155 -1.17 -7.09 -4.95
N ARG A 156 -1.69 -7.43 -6.12
CA ARG A 156 -2.98 -8.05 -6.25
C ARG A 156 -2.81 -9.36 -7.03
N ALA A 157 -3.58 -10.40 -6.67
CA ALA A 157 -3.47 -11.67 -7.40
C ALA A 157 -4.15 -11.46 -8.75
N MET A 158 -3.67 -12.14 -9.77
CA MET A 158 -4.18 -11.98 -11.12
C MET A 158 -4.25 -13.34 -11.85
N PRO A 159 -4.90 -13.42 -13.03
CA PRO A 159 -4.92 -14.69 -13.74
C PRO A 159 -3.53 -15.03 -14.29
N ALA A 160 -3.23 -16.33 -14.54
CA ALA A 160 -2.02 -16.84 -15.21
C ALA A 160 -0.67 -16.62 -14.53
N TYR A 161 -0.40 -15.44 -13.97
CA TYR A 161 0.89 -15.13 -13.36
C TYR A 161 1.23 -16.05 -12.17
N ASN A 162 0.19 -16.57 -11.49
CA ASN A 162 0.25 -17.56 -10.41
C ASN A 162 1.50 -17.45 -9.51
N TRP A 163 2.34 -18.46 -9.45
CA TRP A 163 3.51 -18.48 -8.59
C TRP A 163 4.58 -17.47 -8.94
N MET A 164 4.57 -16.92 -10.17
CA MET A 164 5.51 -15.86 -10.48
C MET A 164 5.14 -14.60 -9.68
N THR A 165 3.86 -14.40 -9.38
CA THR A 165 3.41 -13.28 -8.55
C THR A 165 4.02 -13.46 -7.16
N VAL A 166 4.01 -14.68 -6.63
CA VAL A 166 4.62 -15.01 -5.35
C VAL A 166 6.09 -14.73 -5.39
N ALA A 167 6.78 -15.07 -6.48
CA ALA A 167 8.20 -14.81 -6.65
C ALA A 167 8.48 -13.30 -6.70
N LYS A 168 7.64 -12.53 -7.40
CA LYS A 168 7.78 -11.08 -7.44
C LYS A 168 7.53 -10.45 -6.08
N SER A 169 6.56 -10.94 -5.30
CA SER A 169 6.35 -10.46 -3.92
C SER A 169 7.61 -10.76 -3.09
N ALA A 170 8.25 -11.92 -3.29
CA ALA A 170 9.48 -12.26 -2.58
C ALA A 170 10.57 -11.26 -2.98
N LEU A 171 10.71 -11.02 -4.32
CA LEU A 171 11.63 -10.07 -4.92
C LEU A 171 11.51 -8.70 -4.31
N GLU A 172 10.28 -8.15 -4.19
CA GLU A 172 10.09 -6.84 -3.59
C GLU A 172 10.66 -6.76 -2.17
N SER A 173 10.40 -7.78 -1.38
CA SER A 173 10.91 -7.86 -0.02
C SER A 173 12.44 -7.99 -0.02
N VAL A 174 13.01 -8.81 -0.91
CA VAL A 174 14.46 -8.99 -1.07
C VAL A 174 15.08 -7.64 -1.42
N ASN A 175 14.44 -6.86 -2.27
CA ASN A 175 14.92 -5.55 -2.69
C ASN A 175 15.09 -4.61 -1.51
N ARG A 176 14.12 -4.58 -0.58
CA ARG A 176 14.23 -3.71 0.59
C ARG A 176 15.40 -4.13 1.47
N PHE A 177 15.72 -5.42 1.56
CA PHE A 177 16.87 -5.87 2.35
C PHE A 177 18.19 -5.66 1.62
N VAL A 178 18.16 -5.79 0.28
CA VAL A 178 19.33 -5.50 -0.54
C VAL A 178 19.67 -4.01 -0.40
N ALA A 179 18.66 -3.14 -0.24
CA ALA A 179 18.90 -1.71 -0.05
C ALA A 179 19.61 -1.44 1.27
N ARG A 180 19.27 -2.20 2.33
CA ARG A 180 19.94 -2.06 3.63
C ARG A 180 21.41 -2.40 3.49
N GLU A 181 21.74 -3.49 2.78
CA GLU A 181 23.12 -3.91 2.62
C GLU A 181 23.87 -3.02 1.64
N ALA A 182 23.21 -2.61 0.56
CA ALA A 182 23.79 -1.74 -0.46
C ALA A 182 24.08 -0.31 0.03
N GLY A 183 23.33 0.15 1.01
CA GLY A 183 23.51 1.47 1.61
C GLY A 183 24.87 1.64 2.25
N LYS A 184 25.41 0.55 2.84
CA LYS A 184 26.77 0.52 3.42
C LYS A 184 27.84 0.86 2.37
N TYR A 185 27.55 0.61 1.11
CA TYR A 185 28.45 0.87 0.01
C TYR A 185 28.13 2.18 -0.75
N GLY A 186 27.16 2.95 -0.28
CA GLY A 186 26.68 4.13 -0.98
C GLY A 186 25.91 3.75 -2.23
N VAL A 187 25.35 2.54 -2.29
CA VAL A 187 24.67 2.04 -3.48
C VAL A 187 23.17 1.97 -3.28
N ARG A 188 22.40 2.37 -4.30
CA ARG A 188 20.94 2.28 -4.25
C ARG A 188 20.46 0.95 -4.84
N SER A 189 19.33 0.45 -4.37
CA SER A 189 18.77 -0.80 -4.88
C SER A 189 17.33 -0.56 -5.16
N ASN A 190 16.87 -0.71 -6.41
CA ASN A 190 15.46 -0.48 -6.73
C ASN A 190 14.93 -1.43 -7.76
N LEU A 191 13.60 -1.59 -7.82
CA LEU A 191 12.99 -2.43 -8.85
C LEU A 191 12.21 -1.57 -9.82
N VAL A 192 12.16 -1.95 -11.11
CA VAL A 192 11.29 -1.28 -12.04
C VAL A 192 10.15 -2.24 -12.26
N ALA A 193 8.93 -1.85 -11.86
CA ALA A 193 7.75 -2.67 -12.08
C ALA A 193 7.24 -2.23 -13.41
N ALA A 194 7.42 -3.09 -14.41
CA ALA A 194 7.06 -2.75 -15.77
C ALA A 194 5.69 -3.28 -16.18
N GLY A 195 5.05 -2.62 -17.14
CA GLY A 195 3.84 -3.16 -17.75
C GLY A 195 4.19 -4.37 -18.61
N PRO A 196 3.22 -5.05 -19.23
CA PRO A 196 3.54 -6.23 -20.04
C PRO A 196 4.24 -5.88 -21.37
N ILE A 197 5.35 -6.55 -21.62
CA ILE A 197 6.15 -6.39 -22.85
C ILE A 197 6.27 -7.80 -23.46
N ARG A 198 6.02 -7.91 -24.77
CA ARG A 198 6.14 -9.20 -25.44
C ARG A 198 7.61 -9.59 -25.58
N THR A 199 8.03 -10.51 -24.71
CA THR A 199 9.36 -11.06 -24.63
C THR A 199 9.29 -12.61 -24.86
N LEU A 200 10.45 -13.29 -24.92
CA LEU A 200 10.49 -14.74 -25.00
C LEU A 200 9.83 -15.33 -23.73
N ALA A 201 10.02 -14.71 -22.55
CA ALA A 201 9.36 -15.20 -21.31
C ALA A 201 7.84 -15.15 -21.46
N MET A 202 7.30 -14.03 -22.03
CA MET A 202 5.85 -13.95 -22.23
CA MET A 202 5.85 -13.94 -22.23
C MET A 202 5.37 -15.02 -23.19
N SER A 203 6.05 -15.20 -24.33
CA SER A 203 5.66 -16.19 -25.32
C SER A 203 5.83 -17.64 -24.87
N ALA A 204 7.03 -18.02 -24.41
CA ALA A 204 7.32 -19.40 -24.01
C ALA A 204 6.81 -19.78 -22.65
N ILE A 205 7.01 -18.93 -21.62
CA ILE A 205 6.58 -19.27 -20.28
C ILE A 205 5.12 -18.96 -20.08
N VAL A 206 4.70 -17.68 -20.15
CA VAL A 206 3.30 -17.31 -19.96
C VAL A 206 2.34 -17.90 -21.04
N GLY A 207 2.60 -17.60 -22.30
CA GLY A 207 1.81 -18.07 -23.45
C GLY A 207 1.69 -19.57 -23.47
N GLY A 208 2.82 -20.24 -23.36
CA GLY A 208 2.90 -21.71 -23.37
C GLY A 208 2.12 -22.37 -22.25
N ALA A 209 2.14 -21.77 -21.06
CA ALA A 209 1.40 -22.31 -19.91
C ALA A 209 -0.10 -21.99 -19.96
N LEU A 210 -0.53 -21.10 -20.85
CA LEU A 210 -1.94 -20.72 -20.99
C LEU A 210 -2.69 -21.56 -22.03
N GLY A 211 -1.95 -22.11 -22.99
CA GLY A 211 -2.49 -22.96 -24.04
C GLY A 211 -3.69 -22.39 -24.75
N GLU A 212 -4.80 -23.12 -24.69
CA GLU A 212 -6.09 -22.74 -25.27
C GLU A 212 -6.56 -21.32 -24.86
N GLU A 213 -6.06 -20.81 -23.74
CA GLU A 213 -6.46 -19.51 -23.23
C GLU A 213 -5.42 -18.40 -23.46
N ALA A 214 -4.27 -18.72 -24.08
CA ALA A 214 -3.23 -17.71 -24.29
C ALA A 214 -3.69 -16.52 -25.10
N GLY A 215 -4.44 -16.77 -26.17
CA GLY A 215 -4.91 -15.70 -27.03
C GLY A 215 -5.83 -14.74 -26.33
N ALA A 216 -6.86 -15.25 -25.66
CA ALA A 216 -7.83 -14.41 -24.97
C ALA A 216 -7.18 -13.64 -23.83
N GLN A 217 -6.40 -14.31 -22.97
CA GLN A 217 -5.77 -13.69 -21.81
C GLN A 217 -4.80 -12.61 -22.17
N ILE A 218 -3.93 -12.85 -23.16
CA ILE A 218 -2.95 -11.87 -23.59
C ILE A 218 -3.68 -10.68 -24.25
N GLN A 219 -4.73 -10.95 -25.04
CA GLN A 219 -5.51 -9.86 -25.66
C GLN A 219 -6.16 -9.00 -24.58
N LEU A 220 -6.76 -9.63 -23.57
CA LEU A 220 -7.43 -8.90 -22.50
C LEU A 220 -6.45 -8.12 -21.64
N LEU A 221 -5.25 -8.67 -21.44
CA LEU A 221 -4.17 -8.03 -20.70
C LEU A 221 -3.72 -6.78 -21.47
N GLU A 222 -3.50 -6.91 -22.77
CA GLU A 222 -3.01 -5.84 -23.62
C GLU A 222 -4.03 -4.72 -23.72
N GLU A 223 -5.30 -5.05 -23.97
CA GLU A 223 -6.33 -4.02 -24.11
C GLU A 223 -6.62 -3.37 -22.77
N GLY A 224 -6.66 -4.16 -21.71
CA GLY A 224 -7.00 -3.66 -20.38
C GLY A 224 -5.89 -2.79 -19.82
N TRP A 225 -4.64 -3.17 -20.08
CA TRP A 225 -3.51 -2.41 -19.58
C TRP A 225 -3.44 -1.09 -20.28
N ASP A 226 -3.63 -1.06 -21.60
CA ASP A 226 -3.61 0.16 -22.35
C ASP A 226 -4.79 1.06 -21.98
N GLN A 227 -5.94 0.49 -21.59
CA GLN A 227 -7.10 1.29 -21.19
C GLN A 227 -6.86 1.89 -19.81
N ARG A 228 -6.36 1.07 -18.88
CA ARG A 228 -6.11 1.46 -17.51
C ARG A 228 -5.04 2.50 -17.44
N ALA A 229 -3.98 2.37 -18.25
CA ALA A 229 -2.86 3.30 -18.27
C ALA A 229 -3.29 4.68 -18.74
N PRO A 230 -3.29 5.72 -17.89
CA PRO A 230 -3.68 7.07 -18.36
C PRO A 230 -2.98 7.55 -19.62
N ILE A 231 -1.70 7.18 -19.85
CA ILE A 231 -0.99 7.59 -21.08
C ILE A 231 -0.89 6.44 -22.13
N GLY A 232 -1.67 5.38 -21.93
CA GLY A 232 -1.66 4.23 -22.80
C GLY A 232 -0.48 3.32 -22.53
N TRP A 233 -0.51 2.13 -23.12
CA TRP A 233 0.58 1.16 -22.96
C TRP A 233 0.72 0.35 -24.23
N ASN A 234 1.96 0.18 -24.68
CA ASN A 234 2.24 -0.57 -25.88
C ASN A 234 3.04 -1.78 -25.45
N MET A 235 2.43 -2.95 -25.58
CA MET A 235 3.05 -4.22 -25.22
CA MET A 235 3.05 -4.22 -25.22
C MET A 235 4.22 -4.61 -26.13
N LYS A 236 4.41 -3.93 -27.26
CA LYS A 236 5.50 -4.24 -28.19
C LYS A 236 6.66 -3.22 -28.15
N ASP A 237 6.72 -2.36 -27.14
CA ASP A 237 7.75 -1.32 -27.07
C ASP A 237 8.38 -1.32 -25.69
N ALA A 238 9.57 -1.90 -25.57
CA ALA A 238 10.28 -1.97 -24.29
C ALA A 238 11.07 -0.71 -23.95
N THR A 239 11.17 0.25 -24.88
CA THR A 239 11.92 1.48 -24.67
C THR A 239 11.49 2.29 -23.44
N PRO A 240 10.20 2.56 -23.13
CA PRO A 240 9.89 3.36 -21.93
C PRO A 240 10.36 2.65 -20.64
N VAL A 241 10.36 1.31 -20.64
CA VAL A 241 10.85 0.53 -19.50
C VAL A 241 12.38 0.63 -19.40
N ALA A 242 13.05 0.54 -20.54
CA ALA A 242 14.49 0.64 -20.59
C ALA A 242 14.96 2.04 -20.17
N LYS A 243 14.23 3.07 -20.56
CA LYS A 243 14.55 4.43 -20.16
C LYS A 243 14.41 4.62 -18.65
N THR A 244 13.41 3.98 -18.05
CA THR A 244 13.18 4.06 -16.61
C THR A 244 14.32 3.37 -15.85
N VAL A 245 14.77 2.22 -16.37
CA VAL A 245 15.90 1.50 -15.76
C VAL A 245 17.17 2.40 -15.84
N CYS A 246 17.38 3.06 -16.99
CA CYS A 246 18.53 3.95 -17.13
C CYS A 246 18.44 5.17 -16.22
N ALA A 247 17.22 5.68 -15.94
CA ALA A 247 17.05 6.79 -15.00
C ALA A 247 17.50 6.35 -13.61
N LEU A 248 17.13 5.13 -13.20
CA LEU A 248 17.56 4.61 -11.90
C LEU A 248 19.04 4.34 -11.86
N LEU A 249 19.67 4.03 -13.02
CA LEU A 249 21.13 3.83 -13.06
C LEU A 249 21.86 5.18 -13.03
N SER A 250 21.22 6.25 -13.50
CA SER A 250 21.81 7.57 -13.54
C SER A 250 21.95 8.19 -12.15
N ASP A 251 22.44 9.42 -12.07
CA ASP A 251 22.55 10.14 -10.81
C ASP A 251 21.27 10.99 -10.55
N TRP A 252 20.20 10.84 -11.37
CA TRP A 252 19.01 11.66 -11.29
C TRP A 252 17.92 11.14 -10.37
N LEU A 253 18.11 9.97 -9.77
CA LEU A 253 17.21 9.48 -8.74
C LEU A 253 18.13 9.10 -7.57
N PRO A 254 18.87 10.05 -6.96
CA PRO A 254 19.87 9.67 -5.97
C PRO A 254 19.38 9.41 -4.57
N ALA A 255 18.16 9.79 -4.29
CA ALA A 255 17.60 9.60 -2.96
C ALA A 255 16.59 8.45 -2.90
N THR A 256 16.56 7.57 -3.92
CA THR A 256 15.60 6.49 -3.97
C THR A 256 16.28 5.16 -3.81
N THR A 257 15.87 4.40 -2.83
CA THR A 257 16.42 3.07 -2.56
C THR A 257 15.38 2.21 -1.84
N GLY A 258 15.51 0.90 -1.98
CA GLY A 258 14.59 -0.07 -1.41
C GLY A 258 13.19 0.03 -1.99
N ASP A 259 13.06 0.78 -3.12
CA ASP A 259 11.82 1.15 -3.75
C ASP A 259 11.49 0.48 -5.08
N ILE A 260 10.31 0.82 -5.61
CA ILE A 260 9.78 0.33 -6.86
C ILE A 260 9.31 1.50 -7.71
N ILE A 261 9.87 1.62 -8.89
CA ILE A 261 9.47 2.66 -9.84
CA ILE A 261 9.47 2.66 -9.84
C ILE A 261 8.55 1.96 -10.82
N TYR A 262 7.35 2.48 -11.01
CA TYR A 262 6.39 1.87 -11.91
C TYR A 262 6.48 2.47 -13.28
N ALA A 263 6.89 1.65 -14.23
CA ALA A 263 7.00 2.03 -15.63
C ALA A 263 5.94 1.18 -16.31
N ASP A 264 4.67 1.47 -15.98
CA ASP A 264 3.52 0.70 -16.46
C ASP A 264 2.43 1.54 -17.12
N GLY A 265 2.74 2.78 -17.50
CA GLY A 265 1.77 3.71 -18.06
C GLY A 265 0.85 4.35 -17.02
N GLY A 266 1.09 4.08 -15.74
CA GLY A 266 0.21 4.55 -14.68
C GLY A 266 -0.95 3.60 -14.39
N ALA A 267 -0.94 2.42 -15.03
CA ALA A 267 -1.98 1.42 -14.90
C ALA A 267 -2.26 1.01 -13.47
N HIS A 268 -1.21 0.80 -12.66
CA HIS A 268 -1.40 0.38 -11.27
C HIS A 268 -2.08 1.44 -10.41
N THR A 269 -2.14 2.69 -10.89
CA THR A 269 -2.75 3.79 -10.14
C THR A 269 -4.26 3.93 -10.46
N GLN A 270 -4.79 3.18 -11.42
CA GLN A 270 -6.17 3.31 -11.87
C GLN A 270 -6.89 2.01 -11.71
N LEU A 271 -8.08 2.05 -11.12
CA LEU A 271 -8.87 0.83 -10.92
C LEU A 271 -9.51 0.40 -12.24
N LEU A 272 -10.01 1.36 -12.99
CA LEU A 272 -10.61 1.14 -14.30
C LEU A 272 -10.36 2.36 -15.17
N MET B 4 -22.30 -11.36 26.07
CA MET B 4 -22.81 -12.66 26.52
C MET B 4 -23.81 -13.27 25.50
N THR B 5 -24.97 -12.63 25.28
CA THR B 5 -26.00 -13.11 24.36
C THR B 5 -26.14 -12.11 23.24
N GLY B 6 -25.26 -12.22 22.26
CA GLY B 6 -25.20 -11.30 21.13
C GLY B 6 -23.82 -10.67 21.03
N LEU B 7 -23.35 -10.47 19.81
CA LEU B 7 -22.03 -9.89 19.57
C LEU B 7 -21.82 -8.50 20.25
N LEU B 8 -22.88 -7.71 20.34
CA LEU B 8 -22.80 -6.37 20.93
C LEU B 8 -23.69 -6.25 22.17
N ASP B 9 -23.90 -7.34 22.89
CA ASP B 9 -24.75 -7.36 24.09
C ASP B 9 -24.35 -6.29 25.11
N GLY B 10 -25.29 -5.45 25.47
CA GLY B 10 -25.06 -4.42 26.47
C GLY B 10 -24.29 -3.20 26.01
N LYS B 11 -23.84 -3.18 24.75
CA LYS B 11 -23.12 -2.03 24.21
C LYS B 11 -24.10 -0.95 23.78
N ARG B 12 -23.77 0.32 24.05
CA ARG B 12 -24.58 1.45 23.63
C ARG B 12 -23.88 2.05 22.43
N ILE B 13 -24.52 2.04 21.28
CA ILE B 13 -23.87 2.45 20.05
C ILE B 13 -24.60 3.55 19.32
N LEU B 14 -23.88 4.59 18.91
CA LEU B 14 -24.48 5.68 18.15
C LEU B 14 -24.35 5.32 16.69
N VAL B 15 -25.46 5.36 15.92
CA VAL B 15 -25.39 5.10 14.48
C VAL B 15 -25.87 6.30 13.72
N SER B 16 -24.98 6.90 12.95
CA SER B 16 -25.34 8.03 12.11
C SER B 16 -25.50 7.56 10.64
N GLY B 17 -26.19 8.34 9.81
CA GLY B 17 -26.26 8.06 8.40
C GLY B 17 -27.47 7.36 7.81
N ILE B 18 -28.54 7.14 8.59
CA ILE B 18 -29.73 6.50 8.05
C ILE B 18 -30.54 7.54 7.28
N ILE B 19 -30.89 7.23 6.04
CA ILE B 19 -31.74 8.11 5.26
C ILE B 19 -32.90 7.29 4.66
N THR B 20 -32.62 6.07 4.16
CA THR B 20 -33.58 5.12 3.61
C THR B 20 -33.34 3.73 4.22
N ASP B 21 -34.23 2.72 3.96
CA ASP B 21 -33.94 1.38 4.51
C ASP B 21 -32.85 0.65 3.67
N SER B 22 -32.33 1.28 2.60
CA SER B 22 -31.24 0.72 1.80
CA SER B 22 -31.24 0.71 1.82
C SER B 22 -29.89 1.26 2.30
N SER B 23 -29.89 2.29 3.21
CA SER B 23 -28.67 2.90 3.74
C SER B 23 -27.83 1.87 4.39
N ILE B 24 -26.51 2.01 4.28
CA ILE B 24 -25.60 1.09 4.96
C ILE B 24 -25.80 1.22 6.49
N ALA B 25 -26.03 2.46 6.98
CA ALA B 25 -26.26 2.69 8.39
C ALA B 25 -27.47 1.97 8.89
N PHE B 26 -28.54 1.84 8.05
CA PHE B 26 -29.78 1.15 8.42
C PHE B 26 -29.48 -0.30 8.69
N HIS B 27 -28.71 -0.95 7.82
CA HIS B 27 -28.38 -2.34 8.01
C HIS B 27 -27.40 -2.53 9.14
N ILE B 28 -26.49 -1.55 9.38
CA ILE B 28 -25.58 -1.57 10.53
C ILE B 28 -26.45 -1.53 11.79
N ALA B 29 -27.42 -0.60 11.83
CA ALA B 29 -28.36 -0.48 12.94
C ALA B 29 -29.13 -1.78 13.16
N ARG B 30 -29.73 -2.35 12.09
CA ARG B 30 -30.48 -3.59 12.18
C ARG B 30 -29.62 -4.73 12.75
N VAL B 31 -28.44 -4.98 12.18
CA VAL B 31 -27.57 -6.07 12.64
C VAL B 31 -27.06 -5.83 14.04
N ALA B 32 -26.78 -4.57 14.39
CA ALA B 32 -26.30 -4.25 15.72
C ALA B 32 -27.42 -4.49 16.74
N GLN B 33 -28.68 -4.18 16.40
CA GLN B 33 -29.80 -4.45 17.33
C GLN B 33 -30.03 -5.95 17.44
N GLU B 34 -29.91 -6.68 16.30
CA GLU B 34 -30.01 -8.14 16.28
C GLU B 34 -28.98 -8.77 17.25
N GLN B 35 -27.83 -8.10 17.44
CA GLN B 35 -26.78 -8.58 18.32
C GLN B 35 -26.78 -7.98 19.72
N GLY B 36 -27.87 -7.36 20.13
CA GLY B 36 -28.00 -6.87 21.49
C GLY B 36 -27.66 -5.41 21.74
N ALA B 37 -27.14 -4.69 20.74
CA ALA B 37 -26.78 -3.30 20.93
C ALA B 37 -28.01 -2.45 21.16
N GLN B 38 -27.89 -1.52 22.10
CA GLN B 38 -28.90 -0.52 22.41
C GLN B 38 -28.41 0.68 21.60
N LEU B 39 -29.21 1.17 20.65
CA LEU B 39 -28.75 2.22 19.77
C LEU B 39 -29.24 3.61 20.06
N VAL B 40 -28.48 4.58 19.54
CA VAL B 40 -28.84 5.98 19.49
C VAL B 40 -28.65 6.30 18.02
N LEU B 41 -29.69 6.76 17.35
CA LEU B 41 -29.60 7.04 15.93
C LEU B 41 -29.49 8.52 15.67
N THR B 42 -28.81 8.89 14.60
CA THR B 42 -28.72 10.28 14.21
C THR B 42 -29.12 10.42 12.75
N GLY B 43 -29.85 11.47 12.46
CA GLY B 43 -30.36 11.74 11.13
C GLY B 43 -30.18 13.19 10.73
N PHE B 44 -30.17 13.44 9.42
CA PHE B 44 -29.96 14.76 8.89
C PHE B 44 -31.05 15.19 7.92
N ASP B 45 -31.54 16.41 8.13
CA ASP B 45 -32.47 17.13 7.27
C ASP B 45 -33.90 16.56 7.30
N ARG B 46 -34.18 15.43 6.66
CA ARG B 46 -35.53 14.89 6.60
C ARG B 46 -35.86 14.04 7.83
N LEU B 47 -35.86 14.63 9.02
CA LEU B 47 -36.10 13.87 10.25
C LEU B 47 -37.48 13.18 10.35
N ARG B 48 -38.56 13.76 9.78
CA ARG B 48 -39.87 13.11 9.84
CA ARG B 48 -39.87 13.11 9.84
C ARG B 48 -39.89 11.87 8.96
N LEU B 49 -39.23 11.96 7.77
CA LEU B 49 -39.14 10.83 6.86
C LEU B 49 -38.21 9.78 7.47
N ILE B 50 -37.08 10.21 8.01
CA ILE B 50 -36.12 9.31 8.65
C ILE B 50 -36.75 8.60 9.83
N GLN B 51 -37.61 9.28 10.60
CA GLN B 51 -38.27 8.64 11.75
C GLN B 51 -39.12 7.45 11.27
N ARG B 52 -39.77 7.58 10.08
CA ARG B 52 -40.54 6.48 9.52
C ARG B 52 -39.67 5.31 9.11
N ILE B 53 -38.46 5.60 8.62
CA ILE B 53 -37.48 4.60 8.23
C ILE B 53 -36.95 3.89 9.46
N THR B 54 -36.58 4.65 10.50
CA THR B 54 -36.04 4.07 11.73
C THR B 54 -37.07 3.23 12.47
N ASP B 55 -38.38 3.41 12.20
CA ASP B 55 -39.40 2.55 12.80
C ASP B 55 -39.41 1.16 12.16
N ARG B 56 -38.76 0.97 10.98
CA ARG B 56 -38.67 -0.34 10.34
C ARG B 56 -37.58 -1.25 10.96
N LEU B 57 -36.80 -0.74 11.90
CA LEU B 57 -35.73 -1.49 12.57
C LEU B 57 -36.29 -2.52 13.57
N PRO B 58 -35.51 -3.57 13.89
CA PRO B 58 -36.00 -4.57 14.87
C PRO B 58 -36.49 -4.01 16.21
N ALA B 59 -35.80 -3.02 16.77
CA ALA B 59 -36.20 -2.43 18.05
C ALA B 59 -36.21 -0.89 17.97
N LYS B 60 -36.93 -0.24 18.90
CA LYS B 60 -37.06 1.21 18.94
C LYS B 60 -35.77 1.84 19.43
N ALA B 61 -35.35 2.94 18.78
CA ALA B 61 -34.16 3.67 19.19
C ALA B 61 -34.43 5.17 19.07
N PRO B 62 -33.88 5.98 19.99
CA PRO B 62 -34.05 7.43 19.87
C PRO B 62 -33.36 7.95 18.61
N LEU B 63 -33.96 8.96 17.98
CA LEU B 63 -33.40 9.57 16.76
C LEU B 63 -33.05 11.03 17.08
N LEU B 64 -31.80 11.39 16.88
CA LEU B 64 -31.33 12.73 17.17
C LEU B 64 -30.98 13.42 15.87
N GLU B 65 -31.19 14.72 15.79
CA GLU B 65 -30.81 15.47 14.60
C GLU B 65 -29.34 15.79 14.66
N LEU B 66 -28.63 15.60 13.55
CA LEU B 66 -27.22 15.93 13.49
C LEU B 66 -26.81 16.27 12.09
N ASP B 67 -26.63 17.55 11.83
CA ASP B 67 -26.05 17.98 10.58
C ASP B 67 -24.57 18.15 10.99
N VAL B 68 -23.68 17.32 10.44
CA VAL B 68 -22.25 17.37 10.81
C VAL B 68 -21.59 18.71 10.43
N GLN B 69 -22.24 19.55 9.59
CA GLN B 69 -21.75 20.89 9.26
C GLN B 69 -22.25 21.95 10.25
N ASN B 70 -23.01 21.58 11.28
CA ASN B 70 -23.60 22.52 12.19
C ASN B 70 -22.90 22.45 13.52
N GLU B 71 -22.17 23.51 13.89
CA GLU B 71 -21.42 23.57 15.15
C GLU B 71 -22.29 23.34 16.36
N GLU B 72 -23.54 23.84 16.34
CA GLU B 72 -24.42 23.68 17.48
C GLU B 72 -24.87 22.25 17.63
N HIS B 73 -25.17 21.54 16.52
CA HIS B 73 -25.56 20.12 16.63
C HIS B 73 -24.42 19.29 17.20
N LEU B 74 -23.18 19.63 16.83
CA LEU B 74 -22.00 18.95 17.36
C LEU B 74 -21.74 19.29 18.82
N ALA B 75 -21.91 20.57 19.18
CA ALA B 75 -21.69 21.01 20.55
C ALA B 75 -22.71 20.41 21.53
N SER B 76 -23.95 20.20 21.10
CA SER B 76 -24.97 19.64 21.99
C SER B 76 -25.09 18.11 21.94
N LEU B 77 -24.44 17.46 20.96
CA LEU B 77 -24.48 16.04 20.67
C LEU B 77 -24.24 15.12 21.87
N ALA B 78 -23.11 15.22 22.56
CA ALA B 78 -22.84 14.34 23.72
C ALA B 78 -23.90 14.51 24.81
N GLY B 79 -24.43 15.72 24.95
CA GLY B 79 -25.47 16.01 25.93
C GLY B 79 -26.77 15.34 25.56
N ARG B 80 -27.17 15.46 24.30
CA ARG B 80 -28.40 14.86 23.79
C ARG B 80 -28.28 13.32 23.79
N VAL B 81 -27.09 12.78 23.53
CA VAL B 81 -26.84 11.35 23.57
C VAL B 81 -26.97 10.89 25.02
N THR B 82 -26.34 11.60 25.96
CA THR B 82 -26.41 11.28 27.39
C THR B 82 -27.87 11.30 27.89
N GLU B 83 -28.69 12.21 27.35
CA GLU B 83 -30.10 12.25 27.70
C GLU B 83 -30.83 11.02 27.16
N ALA B 84 -30.47 10.56 25.96
CA ALA B 84 -31.08 9.39 25.34
C ALA B 84 -30.67 8.06 26.00
N ILE B 85 -29.38 7.88 26.32
CA ILE B 85 -28.91 6.66 26.97
C ILE B 85 -28.96 6.68 28.50
N GLY B 86 -29.32 7.81 29.09
CA GLY B 86 -29.37 7.95 30.55
C GLY B 86 -28.03 8.43 31.07
N ALA B 87 -28.03 9.34 32.05
CA ALA B 87 -26.79 9.89 32.60
C ALA B 87 -26.03 8.82 33.37
N GLY B 88 -24.71 8.90 33.33
CA GLY B 88 -23.88 7.88 33.97
C GLY B 88 -23.55 6.72 33.03
N ASN B 89 -24.24 6.63 31.88
CA ASN B 89 -24.00 5.62 30.86
C ASN B 89 -23.20 6.27 29.75
N LYS B 90 -22.36 5.49 29.09
CA LYS B 90 -21.51 5.99 28.01
C LYS B 90 -21.64 5.13 26.76
N LEU B 91 -21.21 5.67 25.60
CA LEU B 91 -21.23 4.93 24.37
C LEU B 91 -20.07 3.93 24.32
N ASP B 92 -20.33 2.75 23.81
CA ASP B 92 -19.31 1.76 23.51
C ASP B 92 -18.93 1.83 22.03
N GLY B 93 -19.76 2.47 21.20
CA GLY B 93 -19.47 2.59 19.80
C GLY B 93 -20.09 3.82 19.17
N VAL B 94 -19.49 4.21 18.06
CA VAL B 94 -19.94 5.31 17.24
C VAL B 94 -19.76 4.82 15.79
N VAL B 95 -20.78 5.00 14.94
CA VAL B 95 -20.70 4.62 13.53
C VAL B 95 -20.90 5.87 12.72
N HIS B 96 -19.99 6.14 11.81
CA HIS B 96 -20.04 7.28 10.93
C HIS B 96 -20.33 6.68 9.57
N SER B 97 -21.54 6.88 9.08
CA SER B 97 -21.91 6.34 7.76
C SER B 97 -22.55 7.50 7.05
N ILE B 98 -21.76 8.57 6.92
CA ILE B 98 -22.12 9.88 6.41
C ILE B 98 -21.23 10.23 5.26
N GLY B 99 -21.81 10.81 4.24
CA GLY B 99 -21.04 11.25 3.09
C GLY B 99 -21.86 12.17 2.23
N PHE B 100 -21.19 13.00 1.44
CA PHE B 100 -21.85 13.89 0.52
C PHE B 100 -20.80 14.53 -0.36
N MET B 101 -21.15 14.74 -1.61
CA MET B 101 -20.31 15.44 -2.55
C MET B 101 -21.26 16.02 -3.56
N PRO B 102 -21.23 17.33 -3.76
CA PRO B 102 -22.12 17.91 -4.77
C PRO B 102 -21.88 17.32 -6.16
N GLN B 103 -22.88 17.36 -7.02
CA GLN B 103 -22.83 16.82 -8.36
C GLN B 103 -21.64 17.23 -9.17
N THR B 104 -21.17 18.48 -9.02
CA THR B 104 -20.02 18.94 -9.78
C THR B 104 -18.76 18.10 -9.47
N GLY B 105 -18.64 17.60 -8.25
CA GLY B 105 -17.49 16.78 -7.87
C GLY B 105 -17.64 15.31 -8.22
N MET B 106 -18.72 14.93 -8.90
CA MET B 106 -19.02 13.54 -9.21
C MET B 106 -19.38 13.27 -10.68
N GLY B 107 -19.44 11.98 -11.03
CA GLY B 107 -19.92 11.44 -12.30
C GLY B 107 -19.22 11.85 -13.58
N ILE B 108 -20.00 12.26 -14.58
CA ILE B 108 -19.45 12.73 -15.84
C ILE B 108 -19.06 14.22 -15.81
N ASN B 109 -19.31 14.93 -14.69
CA ASN B 109 -18.94 16.33 -14.58
C ASN B 109 -17.43 16.42 -14.53
N PRO B 110 -16.83 17.27 -15.39
CA PRO B 110 -15.36 17.28 -15.48
C PRO B 110 -14.69 17.51 -14.13
N PHE B 111 -13.77 16.62 -13.77
CA PHE B 111 -13.07 16.64 -12.49
C PHE B 111 -12.47 18.04 -12.16
N PHE B 112 -11.95 18.73 -13.17
CA PHE B 112 -11.34 20.04 -12.98
C PHE B 112 -12.36 21.14 -12.78
N ASP B 113 -13.60 20.97 -13.24
CA ASP B 113 -14.61 22.02 -13.13
C ASP B 113 -15.37 22.07 -11.83
N ALA B 114 -15.05 21.16 -10.89
CA ALA B 114 -15.70 21.16 -9.61
C ALA B 114 -15.12 22.31 -8.80
N PRO B 115 -15.93 23.30 -8.42
CA PRO B 115 -15.38 24.42 -7.65
C PRO B 115 -14.99 23.98 -6.25
N TYR B 116 -13.99 24.67 -5.66
CA TYR B 116 -13.52 24.28 -4.34
C TYR B 116 -14.62 24.41 -3.30
N ALA B 117 -15.57 25.34 -3.45
CA ALA B 117 -16.69 25.46 -2.51
C ALA B 117 -17.45 24.13 -2.43
N ASP B 118 -17.67 23.50 -3.60
CA ASP B 118 -18.31 22.21 -3.70
C ASP B 118 -17.47 21.09 -3.12
N VAL B 119 -16.21 21.01 -3.52
CA VAL B 119 -15.29 20.00 -3.00
C VAL B 119 -15.14 20.09 -1.48
N SER B 120 -14.96 21.29 -0.95
CA SER B 120 -14.81 21.56 0.48
C SER B 120 -16.02 21.14 1.30
N LYS B 121 -17.24 21.32 0.77
CA LYS B 121 -18.46 20.86 1.44
C LYS B 121 -18.45 19.34 1.57
N GLY B 122 -18.03 18.68 0.50
CA GLY B 122 -17.91 17.24 0.46
C GLY B 122 -16.86 16.72 1.40
N ILE B 123 -15.70 17.36 1.47
CA ILE B 123 -14.63 16.94 2.41
C ILE B 123 -15.01 17.26 3.85
N HIS B 124 -15.77 18.34 4.07
CA HIS B 124 -16.26 18.68 5.42
C HIS B 124 -17.19 17.57 5.91
N ILE B 125 -18.24 17.27 5.12
CA ILE B 125 -19.23 16.26 5.49
C ILE B 125 -18.65 14.84 5.52
N SER B 126 -17.83 14.48 4.52
CA SER B 126 -17.34 13.14 4.36
C SER B 126 -16.04 12.78 5.06
N ALA B 127 -15.17 13.77 5.39
CA ALA B 127 -13.89 13.45 6.02
C ALA B 127 -13.66 14.18 7.34
N TYR B 128 -13.76 15.51 7.37
CA TYR B 128 -13.56 16.28 8.59
C TYR B 128 -14.55 15.86 9.66
N SER B 129 -15.82 15.61 9.28
CA SER B 129 -16.86 15.22 10.22
C SER B 129 -16.53 13.96 11.01
N TYR B 130 -15.66 13.07 10.48
CA TYR B 130 -15.25 11.90 11.24
C TYR B 130 -14.47 12.32 12.47
N ALA B 131 -13.62 13.36 12.34
CA ALA B 131 -12.86 13.90 13.46
C ALA B 131 -13.77 14.70 14.40
N SER B 132 -14.66 15.53 13.85
N SER B 132 -14.66 15.54 13.85
CA SER B 132 -15.57 16.35 14.63
CA SER B 132 -15.54 16.36 14.68
C SER B 132 -16.52 15.50 15.47
C SER B 132 -16.55 15.52 15.46
N MET B 133 -16.96 14.37 14.93
CA MET B 133 -17.86 13.46 15.66
C MET B 133 -17.09 12.75 16.76
N ALA B 134 -15.82 12.37 16.52
CA ALA B 134 -14.97 11.73 17.52
C ALA B 134 -14.68 12.73 18.63
N LYS B 135 -14.37 14.00 18.28
CA LYS B 135 -14.11 15.03 19.28
C LYS B 135 -15.34 15.20 20.22
N ALA B 136 -16.54 15.14 19.65
CA ALA B 136 -17.77 15.32 20.40
C ALA B 136 -18.15 14.10 21.22
N LEU B 137 -17.88 12.89 20.72
CA LEU B 137 -18.32 11.68 21.41
C LEU B 137 -17.27 10.95 22.24
N LEU B 138 -15.96 11.12 21.97
CA LEU B 138 -14.93 10.48 22.79
C LEU B 138 -15.06 10.77 24.29
N PRO B 139 -15.41 12.01 24.72
CA PRO B 139 -15.60 12.27 26.14
C PRO B 139 -16.72 11.46 26.79
N ILE B 140 -17.65 10.90 26.01
CA ILE B 140 -18.73 10.07 26.57
C ILE B 140 -18.65 8.63 26.05
N MET B 141 -17.44 8.16 25.74
CA MET B 141 -17.17 6.81 25.29
C MET B 141 -16.40 6.03 26.37
N ASN B 142 -16.67 4.73 26.48
CA ASN B 142 -16.05 3.86 27.47
C ASN B 142 -14.74 3.30 26.95
N PRO B 143 -13.76 2.99 27.84
CA PRO B 143 -12.55 2.28 27.39
C PRO B 143 -12.94 0.93 26.77
N GLY B 144 -12.29 0.58 25.70
CA GLY B 144 -12.67 -0.59 24.91
C GLY B 144 -13.66 -0.21 23.80
N GLY B 145 -14.03 1.07 23.74
CA GLY B 145 -14.96 1.61 22.75
C GLY B 145 -14.44 1.52 21.32
N SER B 146 -15.29 1.85 20.35
CA SER B 146 -14.94 1.67 18.95
C SER B 146 -15.64 2.67 18.07
N ILE B 147 -14.88 3.40 17.25
CA ILE B 147 -15.42 4.37 16.30
C ILE B 147 -15.21 3.78 14.90
N VAL B 148 -16.29 3.56 14.16
CA VAL B 148 -16.20 2.96 12.84
C VAL B 148 -16.73 3.93 11.80
N GLY B 149 -16.01 4.12 10.72
CA GLY B 149 -16.43 4.99 9.63
C GLY B 149 -16.53 4.21 8.33
N MET B 150 -17.23 4.77 7.31
CA MET B 150 -17.40 4.07 6.04
C MET B 150 -16.51 4.66 4.98
N ASP B 151 -15.83 3.80 4.30
CA ASP B 151 -14.88 4.16 3.28
C ASP B 151 -15.14 3.37 2.00
N PHE B 152 -14.67 3.86 0.88
CA PHE B 152 -14.74 3.19 -0.41
C PHE B 152 -13.34 3.37 -0.94
N ASP B 153 -12.57 2.28 -1.00
CA ASP B 153 -11.16 2.26 -1.39
C ASP B 153 -10.75 3.33 -2.41
N PRO B 154 -10.05 4.37 -1.94
CA PRO B 154 -9.64 5.44 -2.85
C PRO B 154 -8.18 5.33 -3.26
N SER B 155 -7.47 4.19 -2.95
CA SER B 155 -6.07 3.99 -3.31
CA SER B 155 -6.06 4.07 -3.30
C SER B 155 -5.78 4.19 -4.79
N ARG B 156 -6.79 4.03 -5.65
CA ARG B 156 -6.60 4.15 -7.10
C ARG B 156 -7.70 5.02 -7.66
N ALA B 157 -7.38 5.82 -8.66
CA ALA B 157 -8.40 6.65 -9.29
C ALA B 157 -9.39 5.74 -10.05
N MET B 158 -10.58 6.25 -10.33
CA MET B 158 -11.62 5.45 -10.97
C MET B 158 -12.65 6.36 -11.65
N PRO B 159 -13.52 5.81 -12.52
CA PRO B 159 -14.52 6.66 -13.15
C PRO B 159 -15.56 7.10 -12.12
N ALA B 160 -16.21 8.24 -12.37
CA ALA B 160 -17.35 8.77 -11.61
C ALA B 160 -17.12 9.18 -10.14
N TYR B 161 -16.33 8.44 -9.38
CA TYR B 161 -16.11 8.72 -7.99
C TYR B 161 -15.45 10.05 -7.76
N ASN B 162 -14.64 10.52 -8.72
CA ASN B 162 -14.00 11.83 -8.81
C ASN B 162 -13.58 12.42 -7.46
N TRP B 163 -14.20 13.52 -6.98
CA TRP B 163 -13.77 14.16 -5.75
C TRP B 163 -14.15 13.42 -4.49
N MET B 164 -15.14 12.51 -4.56
CA MET B 164 -15.45 11.71 -3.38
C MET B 164 -14.26 10.77 -3.04
N THR B 165 -13.45 10.42 -4.04
CA THR B 165 -12.26 9.62 -3.88
C THR B 165 -11.25 10.43 -3.06
N VAL B 166 -11.09 11.73 -3.39
CA VAL B 166 -10.23 12.65 -2.65
C VAL B 166 -10.68 12.79 -1.16
N ALA B 167 -12.00 12.84 -0.93
CA ALA B 167 -12.57 12.91 0.41
C ALA B 167 -12.32 11.59 1.15
N LYS B 168 -12.39 10.45 0.43
CA LYS B 168 -12.12 9.15 1.05
C LYS B 168 -10.66 9.01 1.42
N SER B 169 -9.74 9.55 0.60
CA SER B 169 -8.30 9.56 0.89
C SER B 169 -8.04 10.41 2.14
N ALA B 170 -8.64 11.61 2.20
CA ALA B 170 -8.53 12.49 3.35
C ALA B 170 -9.10 11.80 4.58
N LEU B 171 -10.22 11.09 4.45
CA LEU B 171 -10.88 10.36 5.53
C LEU B 171 -10.01 9.27 6.10
N GLU B 172 -9.34 8.53 5.24
CA GLU B 172 -8.43 7.48 5.68
C GLU B 172 -7.30 8.04 6.54
N SER B 173 -6.75 9.19 6.16
CA SER B 173 -5.71 9.88 6.92
C SER B 173 -6.26 10.44 8.22
N VAL B 174 -7.50 10.97 8.21
CA VAL B 174 -8.19 11.48 9.39
C VAL B 174 -8.36 10.35 10.39
N ASN B 175 -8.82 9.17 9.93
CA ASN B 175 -9.00 7.98 10.77
C ASN B 175 -7.70 7.61 11.51
N ARG B 176 -6.55 7.71 10.84
CA ARG B 176 -5.26 7.38 11.47
C ARG B 176 -4.92 8.34 12.60
N PHE B 177 -5.31 9.62 12.48
CA PHE B 177 -5.12 10.61 13.53
C PHE B 177 -6.19 10.47 14.63
N VAL B 178 -7.43 10.14 14.24
CA VAL B 178 -8.49 9.88 15.20
C VAL B 178 -8.09 8.67 16.07
N ALA B 179 -7.32 7.72 15.53
CA ALA B 179 -6.82 6.58 16.29
C ALA B 179 -5.83 7.05 17.36
N ARG B 180 -4.96 8.02 17.01
CA ARG B 180 -3.99 8.58 17.96
C ARG B 180 -4.73 9.21 19.12
N GLU B 181 -5.81 9.99 18.84
CA GLU B 181 -6.60 10.62 19.90
C GLU B 181 -7.45 9.63 20.69
N ALA B 182 -8.16 8.75 20.00
CA ALA B 182 -9.03 7.76 20.64
C ALA B 182 -8.26 6.80 21.54
N GLY B 183 -7.01 6.51 21.18
CA GLY B 183 -6.15 5.64 21.96
C GLY B 183 -6.00 6.10 23.40
N LYS B 184 -5.95 7.42 23.62
CA LYS B 184 -5.87 8.01 24.97
C LYS B 184 -7.06 7.58 25.85
N TYR B 185 -8.24 7.39 25.22
CA TYR B 185 -9.48 6.93 25.86
C TYR B 185 -9.66 5.39 25.82
N GLY B 186 -8.67 4.66 25.30
CA GLY B 186 -8.77 3.22 25.12
C GLY B 186 -9.79 2.87 24.04
N VAL B 187 -10.01 3.74 23.07
CA VAL B 187 -11.02 3.53 22.03
C VAL B 187 -10.31 3.25 20.70
N ARG B 188 -10.87 2.34 19.91
CA ARG B 188 -10.35 2.05 18.58
C ARG B 188 -11.01 2.95 17.55
N SER B 189 -10.35 3.18 16.41
CA SER B 189 -10.94 3.96 15.33
C SER B 189 -10.59 3.27 14.04
N ASN B 190 -11.59 2.73 13.32
CA ASN B 190 -11.32 2.05 12.05
C ASN B 190 -12.32 2.43 10.97
N LEU B 191 -11.96 2.20 9.71
CA LEU B 191 -12.87 2.36 8.60
C LEU B 191 -13.22 0.97 8.04
N VAL B 192 -14.37 0.87 7.39
CA VAL B 192 -14.79 -0.30 6.66
C VAL B 192 -14.87 0.16 5.23
N ALA B 193 -13.99 -0.36 4.39
CA ALA B 193 -13.96 -0.04 2.99
C ALA B 193 -14.93 -1.06 2.38
N ALA B 194 -16.17 -0.65 2.15
CA ALA B 194 -17.18 -1.56 1.63
C ALA B 194 -17.20 -1.60 0.11
N GLY B 195 -17.66 -2.71 -0.45
CA GLY B 195 -17.89 -2.79 -1.88
C GLY B 195 -19.14 -1.98 -2.22
N PRO B 196 -19.53 -1.92 -3.50
CA PRO B 196 -20.71 -1.13 -3.87
C PRO B 196 -21.99 -1.76 -3.37
N ILE B 197 -22.91 -0.92 -2.87
CA ILE B 197 -24.20 -1.23 -2.30
C ILE B 197 -25.18 -0.21 -2.86
N ARG B 198 -26.27 -0.71 -3.37
CA ARG B 198 -27.35 0.05 -3.98
C ARG B 198 -28.04 0.90 -2.89
N THR B 199 -27.57 2.15 -2.73
CA THR B 199 -28.10 3.07 -1.71
C THR B 199 -28.65 4.32 -2.39
N LEU B 200 -29.31 5.21 -1.63
CA LEU B 200 -29.80 6.47 -2.13
C LEU B 200 -28.62 7.28 -2.70
N ALA B 201 -27.48 7.31 -1.99
CA ALA B 201 -26.30 8.06 -2.46
C ALA B 201 -25.85 7.57 -3.84
N MET B 202 -25.83 6.25 -4.04
CA MET B 202 -25.47 5.71 -5.35
C MET B 202 -26.40 6.15 -6.45
N SER B 203 -27.71 6.09 -6.22
CA SER B 203 -28.67 6.45 -7.24
C SER B 203 -28.81 7.95 -7.46
N ALA B 204 -29.07 8.71 -6.39
CA ALA B 204 -29.29 10.14 -6.42
C ALA B 204 -28.05 10.97 -6.65
N ILE B 205 -26.93 10.63 -6.00
CA ILE B 205 -25.70 11.41 -6.16
C ILE B 205 -24.84 10.88 -7.28
N VAL B 206 -24.45 9.60 -7.23
CA VAL B 206 -23.58 9.03 -8.24
C VAL B 206 -24.27 8.91 -9.59
N GLY B 207 -25.44 8.26 -9.58
CA GLY B 207 -26.27 8.06 -10.76
C GLY B 207 -26.72 9.37 -11.34
N GLY B 208 -27.09 10.30 -10.48
CA GLY B 208 -27.51 11.63 -10.89
C GLY B 208 -26.39 12.38 -11.59
N ALA B 209 -25.15 12.24 -11.08
CA ALA B 209 -23.99 12.90 -11.68
C ALA B 209 -23.51 12.22 -12.99
N LEU B 210 -23.81 10.94 -13.15
CA LEU B 210 -23.47 10.14 -14.32
C LEU B 210 -24.37 10.42 -15.53
N GLY B 211 -25.53 11.00 -15.29
CA GLY B 211 -26.48 11.36 -16.34
C GLY B 211 -26.93 10.14 -17.10
N GLU B 212 -26.80 10.19 -18.43
CA GLU B 212 -27.18 9.07 -19.28
C GLU B 212 -26.30 7.83 -19.14
N GLU B 213 -25.14 7.96 -18.50
CA GLU B 213 -24.24 6.83 -18.33
C GLU B 213 -24.45 6.07 -17.03
N ALA B 214 -25.41 6.51 -16.19
CA ALA B 214 -25.70 5.96 -14.87
C ALA B 214 -25.98 4.48 -14.86
N GLY B 215 -26.86 4.00 -15.72
CA GLY B 215 -27.22 2.59 -15.80
C GLY B 215 -26.07 1.72 -16.25
N ALA B 216 -25.39 2.10 -17.35
CA ALA B 216 -24.26 1.35 -17.87
C ALA B 216 -23.14 1.28 -16.84
N GLN B 217 -22.81 2.39 -16.18
CA GLN B 217 -21.75 2.40 -15.17
C GLN B 217 -22.12 1.62 -13.95
N ILE B 218 -23.40 1.64 -13.54
CA ILE B 218 -23.82 0.88 -12.36
C ILE B 218 -23.79 -0.61 -12.69
N GLN B 219 -24.26 -1.00 -13.88
CA GLN B 219 -24.24 -2.41 -14.28
C GLN B 219 -22.79 -2.94 -14.36
N LEU B 220 -21.85 -2.14 -14.93
CA LEU B 220 -20.44 -2.52 -15.03
C LEU B 220 -19.80 -2.63 -13.65
N LEU B 221 -20.15 -1.71 -12.74
CA LEU B 221 -19.64 -1.70 -11.38
C LEU B 221 -20.13 -2.97 -10.66
N GLU B 222 -21.46 -3.21 -10.70
CA GLU B 222 -22.14 -4.34 -10.11
C GLU B 222 -21.54 -5.69 -10.52
N GLU B 223 -21.52 -6.00 -11.84
CA GLU B 223 -21.03 -7.25 -12.34
C GLU B 223 -19.51 -7.38 -12.25
N GLY B 224 -18.80 -6.29 -12.49
CA GLY B 224 -17.34 -6.29 -12.42
C GLY B 224 -16.80 -6.52 -11.03
N TRP B 225 -17.50 -6.03 -10.03
CA TRP B 225 -17.09 -6.23 -8.65
C TRP B 225 -17.35 -7.67 -8.24
N ASP B 226 -18.51 -8.22 -8.63
CA ASP B 226 -18.88 -9.61 -8.35
C ASP B 226 -17.84 -10.56 -8.94
N GLN B 227 -17.44 -10.28 -10.18
CA GLN B 227 -16.45 -11.01 -10.93
C GLN B 227 -15.10 -10.93 -10.21
N ARG B 228 -14.61 -9.71 -9.90
CA ARG B 228 -13.31 -9.52 -9.23
C ARG B 228 -13.23 -10.22 -7.87
N ALA B 229 -14.31 -10.11 -7.06
CA ALA B 229 -14.41 -10.68 -5.73
C ALA B 229 -14.33 -12.19 -5.77
N PRO B 230 -13.32 -12.80 -5.15
CA PRO B 230 -13.26 -14.27 -5.13
C PRO B 230 -14.48 -14.93 -4.51
N ILE B 231 -15.15 -14.26 -3.55
CA ILE B 231 -16.38 -14.82 -2.96
C ILE B 231 -17.65 -14.18 -3.51
N GLY B 232 -17.56 -13.45 -4.60
CA GLY B 232 -18.72 -12.80 -5.19
C GLY B 232 -19.11 -11.56 -4.42
N TRP B 233 -19.94 -10.73 -5.03
CA TRP B 233 -20.36 -9.51 -4.39
C TRP B 233 -21.78 -9.18 -4.77
N ASN B 234 -22.65 -9.04 -3.78
CA ASN B 234 -24.03 -8.69 -3.99
C ASN B 234 -24.27 -7.21 -3.65
N MET B 235 -24.31 -6.37 -4.67
CA MET B 235 -24.60 -4.95 -4.54
C MET B 235 -25.97 -4.67 -3.87
N LYS B 236 -26.89 -5.64 -3.88
CA LYS B 236 -28.20 -5.46 -3.24
C LYS B 236 -28.21 -5.92 -1.76
N ASP B 237 -27.08 -6.44 -1.23
CA ASP B 237 -27.06 -6.92 0.16
C ASP B 237 -26.05 -6.19 1.03
N ALA B 238 -26.50 -5.28 1.88
CA ALA B 238 -25.62 -4.56 2.79
C ALA B 238 -25.32 -5.33 4.07
N THR B 239 -25.97 -6.52 4.29
CA THR B 239 -25.71 -7.32 5.48
C THR B 239 -24.23 -7.67 5.64
N PRO B 240 -23.46 -8.15 4.63
CA PRO B 240 -22.03 -8.47 4.88
C PRO B 240 -21.22 -7.30 5.41
N VAL B 241 -21.55 -6.09 4.92
CA VAL B 241 -20.90 -4.86 5.33
C VAL B 241 -21.30 -4.50 6.76
N ALA B 242 -22.59 -4.66 7.06
CA ALA B 242 -23.17 -4.38 8.37
C ALA B 242 -22.54 -5.29 9.41
N LYS B 243 -22.33 -6.56 9.08
CA LYS B 243 -21.71 -7.54 9.97
C LYS B 243 -20.24 -7.17 10.23
N THR B 244 -19.53 -6.64 9.21
CA THR B 244 -18.14 -6.21 9.34
C THR B 244 -18.02 -5.01 10.28
N VAL B 245 -18.97 -4.08 10.20
CA VAL B 245 -18.99 -2.93 11.10
C VAL B 245 -19.24 -3.43 12.52
N CYS B 246 -20.20 -4.34 12.70
CA CYS B 246 -20.47 -4.90 14.04
C CYS B 246 -19.29 -5.63 14.60
N ALA B 247 -18.52 -6.34 13.74
CA ALA B 247 -17.30 -7.05 14.15
C ALA B 247 -16.29 -6.05 14.73
N LEU B 248 -16.17 -4.87 14.11
CA LEU B 248 -15.29 -3.82 14.57
C LEU B 248 -15.82 -3.13 15.82
N LEU B 249 -17.13 -3.02 15.96
CA LEU B 249 -17.76 -2.44 17.17
C LEU B 249 -17.67 -3.41 18.36
N SER B 250 -17.50 -4.70 18.09
CA SER B 250 -17.40 -5.76 19.09
C SER B 250 -16.03 -5.77 19.76
N ASP B 251 -15.84 -6.69 20.69
CA ASP B 251 -14.55 -6.88 21.36
C ASP B 251 -13.67 -7.89 20.60
N TRP B 252 -14.05 -8.31 19.37
CA TRP B 252 -13.33 -9.35 18.65
C TRP B 252 -12.25 -8.89 17.71
N LEU B 253 -12.09 -7.60 17.53
CA LEU B 253 -10.97 -7.04 16.82
C LEU B 253 -10.31 -6.03 17.82
N PRO B 254 -9.83 -6.50 19.00
CA PRO B 254 -9.35 -5.57 20.03
C PRO B 254 -8.01 -4.92 19.80
N ALA B 255 -7.22 -5.39 18.86
CA ALA B 255 -5.92 -4.81 18.58
C ALA B 255 -5.87 -4.10 17.24
N THR B 256 -7.03 -3.75 16.66
CA THR B 256 -7.08 -3.12 15.35
C THR B 256 -7.54 -1.67 15.50
N THR B 257 -6.67 -0.73 15.18
CA THR B 257 -6.99 0.69 15.25
C THR B 257 -6.25 1.44 14.16
N GLY B 258 -6.79 2.58 13.77
CA GLY B 258 -6.28 3.43 12.69
C GLY B 258 -6.21 2.72 11.34
N ASP B 259 -6.97 1.65 11.21
CA ASP B 259 -6.90 0.75 10.09
C ASP B 259 -8.13 0.72 9.22
N ILE B 260 -8.04 -0.02 8.13
CA ILE B 260 -9.11 -0.17 7.17
C ILE B 260 -9.36 -1.64 6.96
N ILE B 261 -10.59 -2.08 7.20
CA ILE B 261 -10.98 -3.46 6.97
C ILE B 261 -11.80 -3.44 5.69
N TYR B 262 -11.46 -4.29 4.74
CA TYR B 262 -12.14 -4.34 3.44
C TYR B 262 -13.29 -5.34 3.43
N ALA B 263 -14.52 -4.83 3.36
CA ALA B 263 -15.71 -5.64 3.28
C ALA B 263 -16.19 -5.42 1.85
N ASP B 264 -15.46 -6.01 0.90
CA ASP B 264 -15.75 -5.83 -0.53
C ASP B 264 -15.69 -7.15 -1.33
N GLY B 265 -15.80 -8.29 -0.65
CA GLY B 265 -15.71 -9.60 -1.26
C GLY B 265 -14.31 -10.01 -1.69
N GLY B 266 -13.31 -9.20 -1.34
CA GLY B 266 -11.92 -9.45 -1.72
C GLY B 266 -11.49 -8.80 -3.01
N ALA B 267 -12.38 -8.07 -3.69
CA ALA B 267 -12.11 -7.45 -4.99
C ALA B 267 -10.84 -6.60 -5.03
N HIS B 268 -10.55 -5.78 -4.01
CA HIS B 268 -9.34 -4.95 -4.00
C HIS B 268 -8.04 -5.78 -3.99
N THR B 269 -8.12 -7.08 -3.64
CA THR B 269 -6.95 -7.94 -3.63
C THR B 269 -6.71 -8.63 -4.99
N GLN B 270 -7.64 -8.47 -5.95
CA GLN B 270 -7.55 -9.13 -7.24
C GLN B 270 -7.49 -8.11 -8.34
N LEU B 271 -6.65 -8.36 -9.33
CA LEU B 271 -6.48 -7.42 -10.43
C LEU B 271 -7.46 -7.77 -11.53
N GLY C 6 22.44 18.40 -21.02
CA GLY C 6 21.30 18.94 -20.29
C GLY C 6 20.12 17.99 -20.28
N LEU C 7 19.77 17.46 -19.11
CA LEU C 7 18.64 16.55 -18.94
C LEU C 7 17.32 17.22 -19.37
N LEU C 8 17.20 18.53 -19.15
CA LEU C 8 15.97 19.24 -19.51
C LEU C 8 16.18 20.23 -20.64
N ASP C 9 17.18 19.94 -21.51
CA ASP C 9 17.57 20.79 -22.61
C ASP C 9 16.41 21.27 -23.45
N GLY C 10 16.23 22.59 -23.47
CA GLY C 10 15.20 23.25 -24.25
C GLY C 10 13.79 23.19 -23.70
N LYS C 11 13.59 22.51 -22.56
CA LYS C 11 12.25 22.40 -22.00
C LYS C 11 11.82 23.68 -21.30
N ARG C 12 10.57 24.10 -21.49
CA ARG C 12 10.04 25.28 -20.83
C ARG C 12 9.24 24.78 -19.66
N ILE C 13 9.68 25.11 -18.43
CA ILE C 13 9.05 24.57 -17.23
C ILE C 13 8.56 25.62 -16.27
N LEU C 14 7.33 25.46 -15.74
CA LEU C 14 6.79 26.38 -14.78
C LEU C 14 7.15 25.90 -13.39
N VAL C 15 7.82 26.74 -12.59
CA VAL C 15 8.13 26.36 -11.22
C VAL C 15 7.45 27.27 -10.24
N SER C 16 6.54 26.71 -9.49
CA SER C 16 5.83 27.46 -8.46
C SER C 16 6.48 27.07 -7.11
N GLY C 17 6.24 27.87 -6.08
CA GLY C 17 6.68 27.52 -4.74
C GLY C 17 7.95 28.08 -4.16
N ILE C 18 8.60 29.05 -4.84
CA ILE C 18 9.81 29.64 -4.28
C ILE C 18 9.43 30.79 -3.36
N ILE C 19 9.96 30.79 -2.12
CA ILE C 19 9.78 31.88 -1.19
C ILE C 19 11.19 32.32 -0.73
N THR C 20 12.08 31.37 -0.42
CA THR C 20 13.47 31.68 -0.05
C THR C 20 14.46 30.80 -0.86
N ASP C 21 15.79 31.05 -0.77
CA ASP C 21 16.76 30.18 -1.41
C ASP C 21 16.81 28.78 -0.72
N SER C 22 16.08 28.57 0.39
CA SER C 22 15.98 27.27 1.03
C SER C 22 14.79 26.47 0.50
N SER C 23 13.84 27.11 -0.23
CA SER C 23 12.69 26.38 -0.78
C SER C 23 13.11 25.26 -1.65
N ILE C 24 12.39 24.14 -1.58
CA ILE C 24 12.63 22.98 -2.44
C ILE C 24 12.49 23.42 -3.92
N ALA C 25 11.54 24.28 -4.22
CA ALA C 25 11.35 24.80 -5.58
C ALA C 25 12.49 25.65 -6.03
N PHE C 26 13.25 26.29 -5.12
CA PHE C 26 14.41 27.09 -5.53
C PHE C 26 15.49 26.13 -6.08
N HIS C 27 15.71 25.01 -5.37
CA HIS C 27 16.70 24.03 -5.79
C HIS C 27 16.24 23.29 -7.02
N ILE C 28 14.90 23.04 -7.16
CA ILE C 28 14.36 22.43 -8.37
C ILE C 28 14.63 23.38 -9.54
N ALA C 29 14.34 24.68 -9.38
CA ALA C 29 14.58 25.66 -10.44
C ALA C 29 16.06 25.78 -10.80
N ARG C 30 16.94 25.78 -9.80
CA ARG C 30 18.38 25.88 -10.03
C ARG C 30 18.89 24.68 -10.80
N VAL C 31 18.53 23.45 -10.37
CA VAL C 31 18.96 22.23 -11.03
C VAL C 31 18.35 22.15 -12.42
N ALA C 32 17.09 22.56 -12.58
CA ALA C 32 16.45 22.55 -13.90
C ALA C 32 17.16 23.49 -14.85
N GLN C 33 17.59 24.67 -14.35
CA GLN C 33 18.34 25.62 -15.17
C GLN C 33 19.74 25.13 -15.50
N GLU C 34 20.42 24.48 -14.55
CA GLU C 34 21.75 23.88 -14.86
C GLU C 34 21.63 22.81 -15.95
N GLN C 35 20.43 22.18 -16.08
CA GLN C 35 20.14 21.17 -17.10
C GLN C 35 19.43 21.72 -18.35
N GLY C 36 19.55 23.01 -18.63
CA GLY C 36 19.02 23.58 -19.87
C GLY C 36 17.56 23.97 -19.94
N ALA C 37 16.83 23.89 -18.81
CA ALA C 37 15.41 24.30 -18.83
C ALA C 37 15.30 25.82 -18.87
N GLN C 38 14.22 26.28 -19.52
CA GLN C 38 13.84 27.68 -19.65
C GLN C 38 12.67 27.81 -18.67
N LEU C 39 12.86 28.54 -17.60
CA LEU C 39 11.82 28.60 -16.56
C LEU C 39 10.94 29.79 -16.61
N VAL C 40 9.76 29.59 -16.06
CA VAL C 40 8.78 30.61 -15.78
C VAL C 40 8.44 30.32 -14.32
N LEU C 41 8.60 31.32 -13.48
CA LEU C 41 8.42 31.15 -12.05
C LEU C 41 7.15 31.77 -11.56
N THR C 42 6.50 31.13 -10.61
CA THR C 42 5.31 31.70 -10.00
C THR C 42 5.58 31.86 -8.52
N GLY C 43 5.08 32.95 -7.96
CA GLY C 43 5.27 33.26 -6.56
C GLY C 43 4.02 33.79 -5.92
N PHE C 44 3.96 33.68 -4.59
CA PHE C 44 2.82 34.13 -3.82
C PHE C 44 3.21 35.10 -2.72
N ASP C 45 2.42 36.19 -2.62
CA ASP C 45 2.40 37.20 -1.58
C ASP C 45 3.66 38.06 -1.51
N ARG C 46 4.82 37.49 -1.17
CA ARG C 46 6.04 38.28 -1.01
C ARG C 46 6.81 38.35 -2.31
N LEU C 47 6.14 38.80 -3.37
CA LEU C 47 6.71 38.89 -4.71
CA LEU C 47 6.71 38.89 -4.71
C LEU C 47 8.03 39.65 -4.79
N ARG C 48 8.19 40.70 -3.96
CA ARG C 48 9.43 41.47 -3.97
C ARG C 48 10.58 40.64 -3.44
N LEU C 49 10.34 39.85 -2.35
CA LEU C 49 11.36 38.97 -1.79
C LEU C 49 11.66 37.88 -2.81
N ILE C 50 10.62 37.28 -3.40
CA ILE C 50 10.79 36.21 -4.37
C ILE C 50 11.63 36.67 -5.56
N GLN C 51 11.42 37.90 -6.01
CA GLN C 51 12.21 38.48 -7.11
C GLN C 51 13.69 38.58 -6.74
N ARG C 52 14.00 38.94 -5.47
CA ARG C 52 15.39 39.02 -5.01
C ARG C 52 15.97 37.60 -4.89
N ILE C 53 15.17 36.63 -4.45
CA ILE C 53 15.58 35.25 -4.32
C ILE C 53 15.88 34.66 -5.71
N THR C 54 15.00 34.89 -6.69
CA THR C 54 15.19 34.34 -8.03
C THR C 54 16.35 34.99 -8.78
N ASP C 55 16.79 36.16 -8.31
CA ASP C 55 17.98 36.80 -8.80
C ASP C 55 19.25 36.03 -8.39
N ARG C 56 19.14 35.02 -7.48
CA ARG C 56 20.24 34.14 -7.09
C ARG C 56 20.30 32.84 -7.93
N LEU C 57 19.34 32.64 -8.84
CA LEU C 57 19.29 31.50 -9.74
C LEU C 57 20.24 31.70 -10.91
N PRO C 58 20.78 30.62 -11.50
CA PRO C 58 21.70 30.77 -12.64
C PRO C 58 21.21 31.70 -13.77
N ALA C 59 19.91 31.73 -14.03
CA ALA C 59 19.34 32.58 -15.08
C ALA C 59 18.10 33.29 -14.55
N LYS C 60 17.92 34.53 -14.95
CA LYS C 60 16.79 35.35 -14.54
C LYS C 60 15.56 34.95 -15.33
N ALA C 61 14.60 34.33 -14.64
CA ALA C 61 13.35 33.84 -15.20
C ALA C 61 12.20 34.81 -14.92
N PRO C 62 11.17 34.85 -15.78
CA PRO C 62 10.02 35.74 -15.49
C PRO C 62 9.33 35.28 -14.22
N LEU C 63 8.89 36.20 -13.37
CA LEU C 63 8.22 35.86 -12.12
C LEU C 63 6.76 36.31 -12.21
N LEU C 64 5.84 35.36 -12.08
CA LEU C 64 4.41 35.55 -12.24
C LEU C 64 3.72 35.38 -10.89
N GLU C 65 2.77 36.25 -10.60
CA GLU C 65 2.04 36.14 -9.35
C GLU C 65 0.98 35.04 -9.44
N LEU C 66 0.97 34.15 -8.46
CA LEU C 66 -0.04 33.10 -8.42
C LEU C 66 -0.41 32.71 -7.01
N ASP C 67 -1.56 33.21 -6.56
CA ASP C 67 -2.17 32.80 -5.31
C ASP C 67 -3.13 31.70 -5.77
N VAL C 68 -2.91 30.45 -5.37
CA VAL C 68 -3.76 29.33 -5.84
C VAL C 68 -5.21 29.38 -5.32
N GLN C 69 -5.52 30.32 -4.40
CA GLN C 69 -6.90 30.54 -3.94
C GLN C 69 -7.55 31.71 -4.67
N ASN C 70 -6.89 32.30 -5.66
CA ASN C 70 -7.42 33.44 -6.38
C ASN C 70 -7.78 32.93 -7.76
N GLU C 71 -9.10 32.91 -8.07
CA GLU C 71 -9.57 32.42 -9.36
C GLU C 71 -9.22 33.33 -10.51
N GLU C 72 -8.96 34.63 -10.27
CA GLU C 72 -8.54 35.53 -11.34
C GLU C 72 -7.09 35.14 -11.73
N HIS C 73 -6.23 34.85 -10.73
CA HIS C 73 -4.84 34.45 -11.03
C HIS C 73 -4.80 33.16 -11.83
N LEU C 74 -5.69 32.21 -11.50
CA LEU C 74 -5.76 30.94 -12.20
C LEU C 74 -6.37 31.11 -13.59
N ALA C 75 -7.42 31.92 -13.72
CA ALA C 75 -8.06 32.16 -15.02
C ALA C 75 -7.14 32.90 -15.99
N SER C 76 -6.26 33.76 -15.47
CA SER C 76 -5.31 34.49 -16.30
C SER C 76 -3.94 33.79 -16.40
N LEU C 77 -3.70 32.74 -15.61
CA LEU C 77 -2.39 32.09 -15.56
C LEU C 77 -1.84 31.67 -16.91
N ALA C 78 -2.58 30.89 -17.73
CA ALA C 78 -2.04 30.44 -19.02
C ALA C 78 -1.69 31.60 -19.94
N GLY C 79 -2.47 32.66 -19.92
CA GLY C 79 -2.22 33.83 -20.76
C GLY C 79 -0.99 34.59 -20.31
N ARG C 80 -0.80 34.71 -18.99
CA ARG C 80 0.37 35.37 -18.45
C ARG C 80 1.61 34.51 -18.75
N VAL C 81 1.50 33.17 -18.60
CA VAL C 81 2.58 32.25 -18.91
C VAL C 81 2.98 32.34 -20.39
N THR C 82 2.00 32.44 -21.31
CA THR C 82 2.31 32.57 -22.73
C THR C 82 2.97 33.91 -23.07
N GLU C 83 2.60 34.98 -22.34
CA GLU C 83 3.25 36.28 -22.53
C GLU C 83 4.72 36.18 -22.07
N ALA C 84 4.97 35.43 -20.99
CA ALA C 84 6.30 35.21 -20.44
C ALA C 84 7.20 34.34 -21.35
N ILE C 85 6.70 33.18 -21.82
CA ILE C 85 7.54 32.28 -22.63
C ILE C 85 7.49 32.51 -24.14
N GLY C 86 6.75 33.52 -24.56
CA GLY C 86 6.59 33.82 -25.97
C GLY C 86 5.37 33.11 -26.51
N ALA C 87 4.52 33.81 -27.28
CA ALA C 87 3.36 33.17 -27.92
C ALA C 87 3.90 32.18 -28.95
N GLY C 88 3.21 31.06 -29.12
CA GLY C 88 3.73 30.00 -29.99
C GLY C 88 4.56 28.98 -29.22
N ASN C 89 4.89 29.26 -27.95
CA ASN C 89 5.61 28.33 -27.11
C ASN C 89 4.68 27.76 -26.06
N LYS C 90 4.89 26.50 -25.72
CA LYS C 90 4.11 25.83 -24.71
C LYS C 90 5.01 25.28 -23.61
N LEU C 91 4.41 24.91 -22.47
CA LEU C 91 5.14 24.37 -21.35
C LEU C 91 5.39 22.91 -21.58
N ASP C 92 6.54 22.46 -21.20
CA ASP C 92 6.91 21.06 -21.21
C ASP C 92 6.78 20.45 -19.80
N GLY C 93 6.81 21.27 -18.76
CA GLY C 93 6.73 20.81 -17.39
C GLY C 93 6.10 21.84 -16.48
N VAL C 94 5.50 21.35 -15.39
CA VAL C 94 4.86 22.16 -14.38
C VAL C 94 5.29 21.57 -13.05
N VAL C 95 5.77 22.41 -12.13
CA VAL C 95 6.15 21.97 -10.81
C VAL C 95 5.25 22.69 -9.80
N HIS C 96 4.55 21.91 -9.01
CA HIS C 96 3.73 22.40 -7.92
C HIS C 96 4.57 22.10 -6.68
N SER C 97 4.96 23.14 -5.98
CA SER C 97 5.75 23.01 -4.77
C SER C 97 5.14 23.99 -3.77
N ILE C 98 3.85 23.81 -3.52
CA ILE C 98 3.06 24.74 -2.74
C ILE C 98 2.38 24.01 -1.60
N GLY C 99 2.34 24.64 -0.46
CA GLY C 99 1.70 24.07 0.70
C GLY C 99 1.42 25.11 1.74
N PHE C 100 0.37 24.90 2.49
CA PHE C 100 0.03 25.76 3.59
C PHE C 100 -0.96 25.04 4.47
N MET C 101 -0.78 25.18 5.76
CA MET C 101 -1.74 24.71 6.72
C MET C 101 -1.70 25.70 7.86
N PRO C 102 -2.83 26.32 8.25
CA PRO C 102 -2.82 27.22 9.42
C PRO C 102 -2.25 26.53 10.66
N GLN C 103 -1.69 27.33 11.58
CA GLN C 103 -1.11 26.84 12.83
C GLN C 103 -2.03 25.90 13.61
N THR C 104 -3.34 26.16 13.66
CA THR C 104 -4.26 25.26 14.40
C THR C 104 -4.27 23.81 13.88
N GLY C 105 -3.98 23.65 12.61
CA GLY C 105 -3.95 22.33 11.99
C GLY C 105 -2.59 21.67 12.05
N MET C 106 -1.64 22.20 12.85
CA MET C 106 -0.26 21.69 12.97
C MET C 106 0.27 21.60 14.42
N GLY C 107 1.41 20.93 14.57
CA GLY C 107 2.20 20.82 15.77
C GLY C 107 1.53 20.30 17.01
N ILE C 108 1.76 20.99 18.13
CA ILE C 108 1.16 20.58 19.39
C ILE C 108 -0.28 21.10 19.55
N ASN C 109 -0.82 21.84 18.55
CA ASN C 109 -2.21 22.29 18.61
C ASN C 109 -3.10 21.06 18.44
N PRO C 110 -4.06 20.86 19.35
CA PRO C 110 -4.89 19.63 19.30
C PRO C 110 -5.52 19.35 17.94
N PHE C 111 -5.36 18.12 17.44
CA PHE C 111 -5.87 17.70 16.14
C PHE C 111 -7.37 17.99 15.99
N PHE C 112 -8.11 17.77 17.08
CA PHE C 112 -9.55 17.98 17.12
C PHE C 112 -9.99 19.44 17.16
N ASP C 113 -9.07 20.36 17.47
CA ASP C 113 -9.42 21.78 17.60
C ASP C 113 -9.24 22.61 16.36
N ALA C 114 -8.65 22.05 15.28
CA ALA C 114 -8.49 22.82 14.06
C ALA C 114 -9.86 23.06 13.47
N PRO C 115 -10.34 24.30 13.44
CA PRO C 115 -11.65 24.56 12.82
C PRO C 115 -11.60 24.18 11.34
N TYR C 116 -12.75 23.74 10.80
CA TYR C 116 -12.77 23.33 9.40
C TYR C 116 -12.38 24.46 8.45
N ALA C 117 -12.63 25.73 8.81
CA ALA C 117 -12.25 26.86 7.96
C ALA C 117 -10.73 26.83 7.69
N ASP C 118 -9.95 26.52 8.74
CA ASP C 118 -8.50 26.42 8.66
C ASP C 118 -8.05 25.18 7.89
N VAL C 119 -8.69 24.04 8.14
CA VAL C 119 -8.36 22.81 7.44
C VAL C 119 -8.70 22.94 5.95
N SER C 120 -9.83 23.54 5.62
CA SER C 120 -10.26 23.75 4.25
C SER C 120 -9.29 24.64 3.50
N LYS C 121 -8.75 25.66 4.17
CA LYS C 121 -7.78 26.55 3.56
C LYS C 121 -6.51 25.78 3.22
N GLY C 122 -6.08 24.93 4.13
CA GLY C 122 -4.90 24.12 3.95
C GLY C 122 -5.09 23.13 2.83
N ILE C 123 -6.26 22.50 2.77
CA ILE C 123 -6.55 21.54 1.71
C ILE C 123 -6.66 22.21 0.36
N HIS C 124 -7.24 23.40 0.31
CA HIS C 124 -7.36 24.15 -0.92
C HIS C 124 -5.98 24.50 -1.50
N ILE C 125 -5.07 25.03 -0.67
CA ILE C 125 -3.74 25.39 -1.12
C ILE C 125 -2.89 24.17 -1.40
N SER C 126 -2.93 23.20 -0.51
CA SER C 126 -2.05 22.03 -0.58
C SER C 126 -2.48 20.90 -1.48
N ALA C 127 -3.78 20.69 -1.67
CA ALA C 127 -4.26 19.55 -2.45
C ALA C 127 -5.09 19.98 -3.68
N TYR C 128 -6.15 20.78 -3.49
CA TYR C 128 -7.00 21.17 -4.60
C TYR C 128 -6.21 21.98 -5.64
N SER C 129 -5.28 22.83 -5.19
CA SER C 129 -4.50 23.64 -6.11
C SER C 129 -3.70 22.82 -7.12
N TYR C 130 -3.39 21.54 -6.82
CA TYR C 130 -2.71 20.70 -7.81
C TYR C 130 -3.62 20.49 -9.03
N ALA C 131 -4.93 20.30 -8.80
CA ALA C 131 -5.91 20.13 -9.86
C ALA C 131 -6.22 21.45 -10.54
N SER C 132 -6.34 22.53 -9.76
N SER C 132 -6.36 22.54 -9.77
CA SER C 132 -6.62 23.86 -10.29
CA SER C 132 -6.66 23.84 -10.38
C SER C 132 -5.48 24.35 -11.19
C SER C 132 -5.48 24.35 -11.22
N MET C 133 -4.23 24.05 -10.81
CA MET C 133 -3.06 24.42 -11.60
C MET C 133 -2.96 23.59 -12.90
N ALA C 134 -3.24 22.29 -12.79
CA ALA C 134 -3.24 21.42 -13.96
C ALA C 134 -4.36 21.85 -14.94
N LYS C 135 -5.52 22.28 -14.42
CA LYS C 135 -6.60 22.74 -15.26
C LYS C 135 -6.20 23.97 -16.07
N ALA C 136 -5.47 24.91 -15.46
CA ALA C 136 -5.07 26.16 -16.11
C ALA C 136 -3.92 25.97 -17.07
N LEU C 137 -2.96 25.14 -16.70
CA LEU C 137 -1.74 24.93 -17.46
C LEU C 137 -1.80 23.80 -18.48
N LEU C 138 -2.62 22.75 -18.26
CA LEU C 138 -2.74 21.65 -19.26
C LEU C 138 -3.02 22.14 -20.69
N PRO C 139 -3.93 23.13 -20.91
CA PRO C 139 -4.17 23.61 -22.28
C PRO C 139 -2.96 24.25 -22.97
N ILE C 140 -1.93 24.62 -22.21
CA ILE C 140 -0.71 25.17 -22.80
C ILE C 140 0.49 24.24 -22.59
N MET C 141 0.25 22.95 -22.36
CA MET C 141 1.34 21.99 -22.20
C MET C 141 1.51 21.14 -23.44
N ASN C 142 2.75 20.83 -23.77
CA ASN C 142 3.07 19.98 -24.91
C ASN C 142 2.86 18.54 -24.54
N PRO C 143 2.49 17.69 -25.52
CA PRO C 143 2.42 16.25 -25.25
C PRO C 143 3.83 15.76 -24.89
N GLY C 144 3.91 14.82 -23.97
CA GLY C 144 5.19 14.39 -23.42
C GLY C 144 5.53 15.18 -22.15
N GLY C 145 4.75 16.22 -21.86
CA GLY C 145 4.88 17.08 -20.70
C GLY C 145 4.79 16.34 -19.39
N SER C 146 5.11 17.03 -18.30
CA SER C 146 5.13 16.40 -17.00
C SER C 146 4.75 17.40 -15.94
N ILE C 147 3.86 17.01 -15.05
CA ILE C 147 3.42 17.83 -13.93
C ILE C 147 3.93 17.13 -12.70
N VAL C 148 4.66 17.85 -11.84
CA VAL C 148 5.18 17.25 -10.62
C VAL C 148 4.70 18.03 -9.41
N GLY C 149 4.26 17.33 -8.39
CA GLY C 149 3.87 17.95 -7.14
C GLY C 149 4.75 17.46 -6.02
N MET C 150 4.86 18.23 -4.94
CA MET C 150 5.67 17.83 -3.80
C MET C 150 4.78 17.23 -2.76
N ASP C 151 5.16 16.07 -2.25
CA ASP C 151 4.35 15.34 -1.27
C ASP C 151 5.24 14.99 -0.07
N PHE C 152 4.63 14.62 1.04
CA PHE C 152 5.36 14.14 2.21
C PHE C 152 4.56 12.95 2.63
N ASP C 153 5.11 11.74 2.48
CA ASP C 153 4.42 10.46 2.75
C ASP C 153 3.38 10.49 3.88
N PRO C 154 2.09 10.54 3.50
CA PRO C 154 1.01 10.57 4.49
C PRO C 154 0.35 9.23 4.77
N SER C 155 0.95 8.12 4.33
CA SER C 155 0.33 6.81 4.50
C SER C 155 0.18 6.40 5.96
N ARG C 156 0.97 6.98 6.86
CA ARG C 156 0.85 6.68 8.29
CA ARG C 156 0.85 6.68 8.29
C ARG C 156 0.78 8.00 9.08
N ALA C 157 0.01 8.02 10.19
CA ALA C 157 -0.08 9.23 11.00
C ALA C 157 1.24 9.41 11.75
N MET C 158 1.55 10.65 12.11
CA MET C 158 2.80 10.97 12.75
C MET C 158 2.64 12.20 13.66
N PRO C 159 3.62 12.52 14.51
CA PRO C 159 3.51 13.75 15.31
C PRO C 159 3.62 15.01 14.45
N ALA C 160 3.08 16.13 14.95
CA ALA C 160 3.14 17.49 14.40
C ALA C 160 2.54 17.72 12.98
N TYR C 161 2.67 16.78 12.01
CA TYR C 161 2.15 16.99 10.67
C TYR C 161 0.64 17.20 10.63
N ASN C 162 -0.08 16.58 11.57
CA ASN C 162 -1.52 16.71 11.82
C ASN C 162 -2.35 16.90 10.52
N TRP C 163 -3.10 18.01 10.35
CA TRP C 163 -3.96 18.18 9.19
C TRP C 163 -3.22 18.30 7.88
N MET C 164 -1.90 18.57 7.87
CA MET C 164 -1.15 18.57 6.61
C MET C 164 -1.03 17.11 6.05
N THR C 165 -1.05 16.08 6.94
CA THR C 165 -1.01 14.67 6.52
C THR C 165 -2.31 14.35 5.74
N VAL C 166 -3.45 14.91 6.18
CA VAL C 166 -4.73 14.76 5.53
C VAL C 166 -4.69 15.47 4.17
N ALA C 167 -4.11 16.68 4.11
CA ALA C 167 -4.00 17.44 2.85
C ALA C 167 -3.13 16.71 1.83
N LYS C 168 -2.08 16.02 2.29
CA LYS C 168 -1.20 15.26 1.43
C LYS C 168 -1.90 13.98 0.97
N SER C 169 -2.71 13.35 1.83
CA SER C 169 -3.46 12.16 1.43
C SER C 169 -4.46 12.56 0.31
N ALA C 170 -5.11 13.72 0.48
CA ALA C 170 -6.00 14.27 -0.53
C ALA C 170 -5.22 14.53 -1.83
N LEU C 171 -4.01 15.13 -1.75
CA LEU C 171 -3.13 15.46 -2.87
C LEU C 171 -2.73 14.20 -3.67
N GLU C 172 -2.47 13.09 -2.98
CA GLU C 172 -2.12 11.84 -3.64
C GLU C 172 -3.25 11.35 -4.51
N SER C 173 -4.49 11.49 -4.02
CA SER C 173 -5.70 11.13 -4.73
C SER C 173 -5.94 12.10 -5.87
N VAL C 174 -5.75 13.40 -5.64
CA VAL C 174 -5.89 14.42 -6.69
C VAL C 174 -4.90 14.13 -7.81
N ASN C 175 -3.67 13.77 -7.47
CA ASN C 175 -2.62 13.44 -8.44
C ASN C 175 -3.07 12.32 -9.36
N ARG C 176 -3.67 11.25 -8.77
CA ARG C 176 -4.17 10.14 -9.56
C ARG C 176 -5.28 10.54 -10.53
N PHE C 177 -6.13 11.53 -10.17
CA PHE C 177 -7.16 11.99 -11.11
C PHE C 177 -6.61 12.93 -12.14
N VAL C 178 -5.69 13.81 -11.73
CA VAL C 178 -5.00 14.71 -12.65
C VAL C 178 -4.23 13.89 -13.70
N ALA C 179 -3.83 12.64 -13.38
CA ALA C 179 -3.14 11.77 -14.34
C ALA C 179 -4.14 11.28 -15.40
N ARG C 180 -5.39 10.99 -15.00
CA ARG C 180 -6.46 10.61 -15.94
C ARG C 180 -6.70 11.73 -16.92
N GLU C 181 -6.74 12.99 -16.43
CA GLU C 181 -7.00 14.13 -17.29
C GLU C 181 -5.81 14.45 -18.11
N ALA C 182 -4.63 14.51 -17.49
CA ALA C 182 -3.41 14.83 -18.22
C ALA C 182 -3.07 13.83 -19.30
N GLY C 183 -3.41 12.56 -19.05
CA GLY C 183 -3.14 11.47 -19.97
C GLY C 183 -3.67 11.70 -21.37
N LYS C 184 -4.83 12.36 -21.49
CA LYS C 184 -5.43 12.65 -22.78
C LYS C 184 -4.65 13.72 -23.58
N TYR C 185 -3.82 14.52 -22.89
CA TYR C 185 -2.93 15.50 -23.50
C TYR C 185 -1.50 14.92 -23.68
N GLY C 186 -1.27 13.66 -23.32
CA GLY C 186 0.02 13.01 -23.33
C GLY C 186 0.92 13.51 -22.22
N VAL C 187 0.33 14.05 -21.13
CA VAL C 187 1.11 14.60 -20.05
C VAL C 187 1.13 13.68 -18.83
N ARG C 188 2.29 13.56 -18.20
CA ARG C 188 2.44 12.75 -17.02
C ARG C 188 2.15 13.61 -15.80
N SER C 189 1.76 12.99 -14.71
CA SER C 189 1.46 13.69 -13.49
C SER C 189 1.96 12.82 -12.38
N ASN C 190 2.95 13.29 -11.64
CA ASN C 190 3.48 12.51 -10.52
C ASN C 190 3.80 13.40 -9.33
N LEU C 191 3.99 12.78 -8.17
CA LEU C 191 4.41 13.47 -6.98
C LEU C 191 5.78 12.98 -6.55
N VAL C 192 6.54 13.82 -5.84
CA VAL C 192 7.81 13.42 -5.28
C VAL C 192 7.62 13.48 -3.77
N ALA C 193 7.58 12.32 -3.13
CA ALA C 193 7.41 12.28 -1.68
C ALA C 193 8.81 12.46 -1.16
N ALA C 194 9.14 13.67 -0.72
CA ALA C 194 10.50 13.99 -0.29
C ALA C 194 10.68 13.80 1.18
N GLY C 195 11.93 13.55 1.59
CA GLY C 195 12.26 13.50 3.00
C GLY C 195 12.28 14.91 3.56
N PRO C 196 12.48 15.06 4.88
CA PRO C 196 12.46 16.40 5.48
C PRO C 196 13.64 17.28 5.06
N ILE C 197 13.38 18.55 4.75
CA ILE C 197 14.34 19.57 4.33
C ILE C 197 14.08 20.82 5.14
N ARG C 198 15.14 21.47 5.66
CA ARG C 198 15.02 22.70 6.42
C ARG C 198 14.65 23.83 5.47
N THR C 199 13.36 24.08 5.32
CA THR C 199 12.81 25.14 4.48
C THR C 199 12.07 26.17 5.39
N LEU C 200 11.54 27.27 4.82
CA LEU C 200 10.80 28.26 5.58
C LEU C 200 9.55 27.61 6.17
N ALA C 201 8.85 26.78 5.39
CA ALA C 201 7.67 26.09 5.88
C ALA C 201 7.99 25.16 7.05
N MET C 202 9.16 24.48 7.04
CA MET C 202 9.51 23.60 8.14
C MET C 202 9.74 24.37 9.42
N SER C 203 10.34 25.58 9.34
CA SER C 203 10.62 26.34 10.56
C SER C 203 9.47 27.23 11.01
N ALA C 204 8.74 27.85 10.07
CA ALA C 204 7.64 28.75 10.44
C ALA C 204 6.37 28.00 10.68
N ILE C 205 6.05 26.99 9.85
CA ILE C 205 4.79 26.29 9.99
C ILE C 205 4.91 25.12 10.94
N VAL C 206 5.82 24.17 10.64
CA VAL C 206 5.99 23.01 11.50
C VAL C 206 6.61 23.43 12.83
N GLY C 207 7.77 24.08 12.78
CA GLY C 207 8.49 24.55 13.96
C GLY C 207 7.68 25.54 14.77
N GLY C 208 7.01 26.47 14.08
CA GLY C 208 6.16 27.44 14.76
C GLY C 208 5.05 26.79 15.57
N ALA C 209 4.40 25.78 14.99
CA ALA C 209 3.30 25.09 15.68
C ALA C 209 3.75 24.15 16.79
N LEU C 210 5.02 23.75 16.78
CA LEU C 210 5.57 22.90 17.81
C LEU C 210 5.96 23.64 19.10
N GLY C 211 5.97 24.97 19.07
CA GLY C 211 6.34 25.78 20.22
C GLY C 211 7.77 25.54 20.67
N GLU C 212 7.99 25.48 21.98
CA GLU C 212 9.32 25.20 22.53
C GLU C 212 9.82 23.77 22.24
N GLU C 213 8.91 22.86 21.84
CA GLU C 213 9.26 21.49 21.44
C GLU C 213 9.86 21.43 20.02
N ALA C 214 10.05 22.56 19.34
CA ALA C 214 10.50 22.57 17.95
C ALA C 214 11.89 21.95 17.73
N GLY C 215 12.90 22.42 18.45
CA GLY C 215 14.27 21.94 18.29
C GLY C 215 14.45 20.48 18.58
N ALA C 216 13.84 20.00 19.66
CA ALA C 216 13.93 18.59 20.04
C ALA C 216 13.22 17.71 19.00
N GLN C 217 12.00 18.09 18.60
CA GLN C 217 11.24 17.32 17.62
C GLN C 217 11.93 17.28 16.26
N ILE C 218 12.44 18.42 15.79
CA ILE C 218 13.12 18.49 14.50
C ILE C 218 14.46 17.74 14.55
N GLN C 219 15.19 17.84 15.68
CA GLN C 219 16.45 17.11 15.86
C GLN C 219 16.17 15.59 15.81
N LEU C 220 15.07 15.15 16.42
CA LEU C 220 14.66 13.75 16.43
C LEU C 220 14.25 13.30 15.02
N LEU C 221 13.58 14.18 14.27
CA LEU C 221 13.13 13.87 12.93
C LEU C 221 14.34 13.65 12.01
N GLU C 222 15.35 14.53 12.08
CA GLU C 222 16.53 14.41 11.25
C GLU C 222 17.32 13.16 11.59
N GLU C 223 17.48 12.87 12.88
CA GLU C 223 18.23 11.71 13.32
C GLU C 223 17.52 10.44 12.90
N GLY C 224 16.20 10.39 13.13
CA GLY C 224 15.40 9.23 12.82
C GLY C 224 15.31 8.96 11.35
N TRP C 225 15.22 10.02 10.56
CA TRP C 225 15.12 9.88 9.12
C TRP C 225 16.41 9.36 8.56
N ASP C 226 17.53 9.93 9.00
CA ASP C 226 18.86 9.52 8.57
C ASP C 226 19.14 8.07 8.97
N GLN C 227 18.74 7.69 10.20
CA GLN C 227 18.95 6.33 10.73
C GLN C 227 18.19 5.33 9.85
N ARG C 228 16.91 5.63 9.55
CA ARG C 228 16.04 4.78 8.74
C ARG C 228 16.45 4.71 7.29
N ALA C 229 17.02 5.78 6.74
CA ALA C 229 17.40 5.80 5.33
C ALA C 229 18.66 4.96 5.11
N PRO C 230 18.55 3.86 4.33
CA PRO C 230 19.74 3.03 4.07
C PRO C 230 20.88 3.81 3.40
N ILE C 231 20.55 4.85 2.60
CA ILE C 231 21.59 5.69 2.00
C ILE C 231 21.76 7.03 2.72
N GLY C 232 21.20 7.17 3.90
CA GLY C 232 21.29 8.38 4.68
C GLY C 232 20.38 9.47 4.19
N TRP C 233 20.26 10.51 5.00
CA TRP C 233 19.43 11.64 4.67
C TRP C 233 20.03 12.91 5.25
N ASN C 234 20.09 13.94 4.43
CA ASN C 234 20.61 15.22 4.86
C ASN C 234 19.48 16.22 4.79
N MET C 235 19.02 16.69 5.94
CA MET C 235 17.94 17.67 6.02
C MET C 235 18.32 19.02 5.44
N LYS C 236 19.62 19.34 5.37
CA LYS C 236 20.09 20.60 4.81
C LYS C 236 20.44 20.48 3.30
N ASP C 237 20.07 19.36 2.64
CA ASP C 237 20.40 19.17 1.23
C ASP C 237 19.19 18.86 0.37
N ALA C 238 18.66 19.89 -0.29
CA ALA C 238 17.52 19.76 -1.18
C ALA C 238 17.89 19.20 -2.55
N THR C 239 19.17 19.24 -2.93
CA THR C 239 19.60 18.81 -4.26
C THR C 239 19.14 17.38 -4.65
N PRO C 240 19.24 16.30 -3.83
CA PRO C 240 18.74 14.98 -4.27
C PRO C 240 17.24 15.01 -4.57
N VAL C 241 16.50 15.82 -3.81
CA VAL C 241 15.06 15.96 -4.05
C VAL C 241 14.86 16.69 -5.36
N ALA C 242 15.59 17.79 -5.55
CA ALA C 242 15.53 18.60 -6.77
C ALA C 242 15.91 17.79 -8.00
N LYS C 243 16.86 16.86 -7.84
CA LYS C 243 17.31 16.01 -8.94
C LYS C 243 16.21 15.05 -9.33
N THR C 244 15.53 14.48 -8.33
CA THR C 244 14.41 13.60 -8.57
C THR C 244 13.27 14.33 -9.31
N VAL C 245 12.95 15.57 -8.93
CA VAL C 245 11.89 16.31 -9.64
C VAL C 245 12.29 16.52 -11.12
N CYS C 246 13.58 16.79 -11.37
CA CYS C 246 14.06 16.95 -12.74
C CYS C 246 14.04 15.64 -13.52
N ALA C 247 14.28 14.49 -12.85
CA ALA C 247 14.14 13.19 -13.52
C ALA C 247 12.70 13.00 -14.03
N LEU C 248 11.69 13.34 -13.20
CA LEU C 248 10.27 13.26 -13.58
C LEU C 248 9.91 14.28 -14.67
N LEU C 249 10.61 15.42 -14.69
CA LEU C 249 10.38 16.42 -15.74
C LEU C 249 11.03 16.03 -17.05
N SER C 250 12.02 15.13 -17.03
CA SER C 250 12.72 14.73 -18.22
C SER C 250 11.92 13.66 -18.99
N ASP C 251 12.48 13.20 -20.11
CA ASP C 251 11.89 12.12 -20.88
C ASP C 251 12.32 10.75 -20.30
N TRP C 252 12.98 10.70 -19.13
CA TRP C 252 13.57 9.45 -18.65
C TRP C 252 12.69 8.64 -17.69
N LEU C 253 11.49 9.12 -17.42
CA LEU C 253 10.47 8.36 -16.71
C LEU C 253 9.18 8.52 -17.56
N PRO C 254 9.17 8.08 -18.84
CA PRO C 254 8.02 8.38 -19.71
C PRO C 254 6.82 7.45 -19.55
N ALA C 255 6.90 6.44 -18.67
CA ALA C 255 5.82 5.49 -18.42
C ALA C 255 5.31 5.54 -16.96
N THR C 256 5.64 6.61 -16.24
CA THR C 256 5.24 6.78 -14.87
C THR C 256 4.27 7.96 -14.82
N THR C 257 3.06 7.71 -14.32
CA THR C 257 2.03 8.73 -14.17
C THR C 257 1.05 8.30 -13.10
N GLY C 258 0.43 9.29 -12.47
CA GLY C 258 -0.44 9.07 -11.31
C GLY C 258 0.30 8.50 -10.12
N ASP C 259 1.62 8.57 -10.16
CA ASP C 259 2.48 7.93 -9.20
C ASP C 259 3.17 8.85 -8.23
N ILE C 260 3.86 8.24 -7.27
CA ILE C 260 4.63 8.92 -6.27
C ILE C 260 6.04 8.30 -6.28
N ILE C 261 7.07 9.12 -6.49
CA ILE C 261 8.45 8.64 -6.43
C ILE C 261 8.98 9.17 -5.10
N TYR C 262 9.59 8.30 -4.29
CA TYR C 262 10.06 8.70 -2.98
C TYR C 262 11.53 9.12 -2.95
N ALA C 263 11.77 10.41 -2.77
CA ALA C 263 13.13 10.95 -2.69
C ALA C 263 13.37 11.20 -1.21
N ASP C 264 13.48 10.12 -0.43
CA ASP C 264 13.59 10.19 1.02
C ASP C 264 14.75 9.36 1.60
N GLY C 265 15.67 8.90 0.74
CA GLY C 265 16.78 8.04 1.17
C GLY C 265 16.40 6.59 1.39
N GLY C 266 15.17 6.23 1.00
CA GLY C 266 14.62 4.91 1.22
C GLY C 266 14.02 4.74 2.60
N ALA C 267 13.89 5.83 3.38
CA ALA C 267 13.34 5.79 4.74
C ALA C 267 11.93 5.16 4.83
N HIS C 268 11.06 5.39 3.85
CA HIS C 268 9.69 4.83 3.88
C HIS C 268 9.65 3.31 3.69
N THR C 269 10.73 2.72 3.21
CA THR C 269 10.78 1.28 2.96
C THR C 269 11.39 0.51 4.14
N GLN C 270 11.76 1.21 5.24
CA GLN C 270 12.45 0.60 6.38
C GLN C 270 11.69 0.90 7.66
N LEU C 271 11.42 -0.12 8.43
CA LEU C 271 10.69 0.04 9.70
C LEU C 271 11.61 0.68 10.73
N LEU C 272 12.88 0.26 10.76
CA LEU C 272 13.90 0.80 11.65
C LEU C 272 15.30 0.60 11.00
N GLY D 6 -21.29 -17.62 22.15
CA GLY D 6 -20.59 -18.56 21.29
C GLY D 6 -20.37 -18.02 19.88
N LEU D 7 -19.29 -17.28 19.71
CA LEU D 7 -18.94 -16.69 18.42
C LEU D 7 -18.74 -17.76 17.33
N LEU D 8 -18.14 -18.90 17.69
CA LEU D 8 -17.87 -19.98 16.73
C LEU D 8 -18.71 -21.21 17.07
N ASP D 9 -19.94 -21.01 17.57
CA ASP D 9 -20.77 -22.11 18.01
C ASP D 9 -21.07 -23.17 16.95
N GLY D 10 -20.64 -24.40 17.21
CA GLY D 10 -20.88 -25.53 16.33
C GLY D 10 -19.98 -25.62 15.12
N LYS D 11 -18.95 -24.75 15.05
CA LYS D 11 -18.02 -24.78 13.94
C LYS D 11 -16.91 -25.82 14.17
N ARG D 12 -16.55 -26.56 13.14
CA ARG D 12 -15.46 -27.52 13.22
C ARG D 12 -14.24 -26.80 12.67
N ILE D 13 -13.23 -26.61 13.51
CA ILE D 13 -12.07 -25.81 13.14
C ILE D 13 -10.76 -26.54 13.29
N LEU D 14 -9.97 -26.57 12.22
CA LEU D 14 -8.65 -27.19 12.28
C LEU D 14 -7.66 -26.12 12.69
N VAL D 15 -6.92 -26.36 13.75
CA VAL D 15 -5.90 -25.43 14.20
C VAL D 15 -4.54 -26.09 14.15
N SER D 16 -3.66 -25.54 13.33
CA SER D 16 -2.29 -26.02 13.26
C SER D 16 -1.39 -25.06 14.05
N GLY D 17 -0.17 -25.47 14.35
CA GLY D 17 0.80 -24.58 14.95
C GLY D 17 1.05 -24.62 16.45
N ILE D 18 0.40 -25.51 17.19
CA ILE D 18 0.67 -25.58 18.63
C ILE D 18 1.98 -26.31 18.86
N ILE D 19 2.85 -25.74 19.66
CA ILE D 19 4.09 -26.36 20.09
C ILE D 19 4.23 -26.17 21.62
N THR D 20 3.86 -24.98 22.14
CA THR D 20 3.87 -24.69 23.58
C THR D 20 2.57 -23.91 23.93
N ASP D 21 2.29 -23.75 25.24
CA ASP D 21 1.19 -22.93 25.74
C ASP D 21 1.34 -21.43 25.35
N SER D 22 2.52 -21.01 24.85
CA SER D 22 2.76 -19.64 24.41
C SER D 22 2.49 -19.47 22.92
N SER D 23 2.25 -20.56 22.16
CA SER D 23 1.99 -20.50 20.74
C SER D 23 0.79 -19.68 20.46
N ILE D 24 0.82 -18.93 19.36
CA ILE D 24 -0.36 -18.17 18.95
C ILE D 24 -1.52 -19.15 18.67
N ALA D 25 -1.22 -20.33 18.11
CA ALA D 25 -2.21 -21.38 17.89
C ALA D 25 -2.80 -21.92 19.17
N PHE D 26 -2.06 -21.90 20.28
CA PHE D 26 -2.63 -22.36 21.55
C PHE D 26 -3.73 -21.40 21.99
N HIS D 27 -3.46 -20.10 21.89
CA HIS D 27 -4.43 -19.09 22.29
C HIS D 27 -5.61 -19.03 21.35
N ILE D 28 -5.39 -19.28 20.05
CA ILE D 28 -6.48 -19.34 19.10
C ILE D 28 -7.36 -20.56 19.44
N ALA D 29 -6.73 -21.71 19.71
CA ALA D 29 -7.48 -22.92 20.07
C ALA D 29 -8.28 -22.73 21.35
N ARG D 30 -7.68 -22.06 22.33
CA ARG D 30 -8.33 -21.78 23.60
C ARG D 30 -9.54 -20.87 23.38
N VAL D 31 -9.35 -19.72 22.74
CA VAL D 31 -10.43 -18.78 22.49
C VAL D 31 -11.52 -19.39 21.64
N ALA D 32 -11.16 -20.12 20.57
CA ALA D 32 -12.13 -20.79 19.71
C ALA D 32 -12.97 -21.77 20.51
N GLN D 33 -12.36 -22.59 21.39
CA GLN D 33 -13.15 -23.53 22.21
C GLN D 33 -14.02 -22.78 23.20
N GLU D 34 -13.52 -21.68 23.78
CA GLU D 34 -14.35 -20.86 24.68
C GLU D 34 -15.59 -20.30 23.93
N GLN D 35 -15.51 -20.21 22.60
CA GLN D 35 -16.58 -19.74 21.74
C GLN D 35 -17.41 -20.85 21.08
N GLY D 36 -17.36 -22.06 21.61
CA GLY D 36 -18.16 -23.16 21.12
C GLY D 36 -17.66 -23.93 19.91
N ALA D 37 -16.45 -23.64 19.42
CA ALA D 37 -15.90 -24.38 18.28
C ALA D 37 -15.40 -25.75 18.73
N GLN D 38 -15.55 -26.76 17.85
CA GLN D 38 -15.07 -28.13 18.02
C GLN D 38 -13.78 -28.20 17.21
N LEU D 39 -12.65 -28.52 17.85
CA LEU D 39 -11.37 -28.46 17.18
C LEU D 39 -10.75 -29.76 16.75
N VAL D 40 -9.97 -29.68 15.70
CA VAL D 40 -9.07 -30.74 15.27
C VAL D 40 -7.73 -30.01 15.27
N LEU D 41 -6.79 -30.48 16.06
CA LEU D 41 -5.50 -29.81 16.17
C LEU D 41 -4.45 -30.58 15.40
N THR D 42 -3.55 -29.89 14.70
CA THR D 42 -2.45 -30.57 14.03
C THR D 42 -1.15 -30.11 14.68
N GLY D 43 -0.22 -31.03 14.84
CA GLY D 43 1.07 -30.72 15.44
C GLY D 43 2.22 -31.32 14.65
N PHE D 44 3.42 -30.79 14.86
CA PHE D 44 4.60 -31.27 14.14
C PHE D 44 5.73 -31.71 15.05
N ASP D 45 6.38 -32.81 14.69
CA ASP D 45 7.60 -33.32 15.29
C ASP D 45 7.48 -33.87 16.72
N ARG D 46 7.11 -33.06 17.72
CA ARG D 46 7.06 -33.51 19.11
C ARG D 46 5.61 -33.77 19.54
N LEU D 47 4.94 -34.72 18.88
CA LEU D 47 3.53 -34.97 19.14
C LEU D 47 3.21 -35.43 20.55
N ARG D 48 4.13 -36.12 21.22
CA ARG D 48 3.96 -36.56 22.60
C ARG D 48 3.86 -35.31 23.51
N LEU D 49 4.74 -34.33 23.27
CA LEU D 49 4.77 -33.08 24.03
C LEU D 49 3.57 -32.21 23.66
N ILE D 50 3.21 -32.15 22.37
CA ILE D 50 2.06 -31.35 21.94
C ILE D 50 0.77 -31.89 22.54
N GLN D 51 0.66 -33.21 22.70
CA GLN D 51 -0.49 -33.85 23.36
C GLN D 51 -0.61 -33.34 24.80
N ARG D 52 0.53 -33.14 25.48
CA ARG D 52 0.57 -32.64 26.86
C ARG D 52 0.11 -31.18 26.91
N ILE D 53 0.56 -30.37 25.95
CA ILE D 53 0.18 -28.98 25.89
C ILE D 53 -1.29 -28.84 25.58
N THR D 54 -1.76 -29.54 24.55
CA THR D 54 -3.16 -29.48 24.14
C THR D 54 -4.09 -30.05 25.19
N ASP D 55 -3.60 -30.87 26.15
CA ASP D 55 -4.41 -31.33 27.28
C ASP D 55 -4.80 -30.17 28.21
N ARG D 56 -4.12 -29.01 28.09
CA ARG D 56 -4.42 -27.83 28.90
C ARG D 56 -5.54 -26.97 28.29
N LEU D 57 -6.00 -27.29 27.07
CA LEU D 57 -7.08 -26.52 26.43
C LEU D 57 -8.40 -26.75 27.17
N PRO D 58 -9.34 -25.81 27.11
CA PRO D 58 -10.62 -25.99 27.81
C PRO D 58 -11.35 -27.31 27.49
N ALA D 59 -11.17 -27.84 26.28
CA ALA D 59 -11.77 -29.11 25.90
C ALA D 59 -10.77 -29.99 25.16
N LYS D 60 -10.87 -31.31 25.33
CA LYS D 60 -9.95 -32.23 24.65
C LYS D 60 -10.30 -32.29 23.16
N ALA D 61 -9.30 -32.31 22.30
CA ALA D 61 -9.51 -32.31 20.87
C ALA D 61 -8.62 -33.35 20.19
N PRO D 62 -9.10 -33.99 19.11
CA PRO D 62 -8.24 -34.94 18.39
C PRO D 62 -7.00 -34.23 17.82
N LEU D 63 -5.83 -34.82 18.03
CA LEU D 63 -4.58 -34.24 17.58
C LEU D 63 -4.04 -35.11 16.46
N LEU D 64 -3.75 -34.49 15.31
CA LEU D 64 -3.23 -35.20 14.15
C LEU D 64 -1.83 -34.71 13.84
N GLU D 65 -0.99 -35.59 13.32
CA GLU D 65 0.34 -35.20 12.92
C GLU D 65 0.28 -34.47 11.59
N LEU D 66 1.00 -33.36 11.47
CA LEU D 66 1.07 -32.66 10.22
C LEU D 66 2.37 -31.86 10.06
N ASP D 67 3.29 -32.39 9.24
CA ASP D 67 4.52 -31.75 8.82
C ASP D 67 4.17 -31.23 7.41
N VAL D 68 4.16 -29.91 7.23
CA VAL D 68 3.81 -29.30 5.95
C VAL D 68 4.80 -29.55 4.82
N GLN D 69 5.97 -30.10 5.11
CA GLN D 69 6.94 -30.49 4.09
C GLN D 69 6.72 -31.94 3.62
N ASN D 70 6.05 -32.76 4.45
CA ASN D 70 5.75 -34.17 4.17
C ASN D 70 4.50 -34.24 3.30
N GLU D 71 4.68 -34.70 2.05
CA GLU D 71 3.62 -34.83 1.07
C GLU D 71 2.57 -35.88 1.49
N GLU D 72 2.98 -36.97 2.19
CA GLU D 72 2.04 -37.99 2.62
CA GLU D 72 2.04 -37.99 2.62
C GLU D 72 1.10 -37.45 3.69
N HIS D 73 1.63 -36.64 4.62
CA HIS D 73 0.81 -36.04 5.68
C HIS D 73 -0.26 -35.14 5.08
N LEU D 74 0.12 -34.38 4.05
CA LEU D 74 -0.79 -33.48 3.37
C LEU D 74 -1.82 -34.24 2.56
N ALA D 75 -1.41 -35.29 1.83
CA ALA D 75 -2.30 -36.11 1.02
C ALA D 75 -3.31 -36.85 1.88
N SER D 76 -2.89 -37.32 3.06
CA SER D 76 -3.80 -38.01 3.98
C SER D 76 -4.58 -37.08 4.91
N LEU D 77 -4.26 -35.78 4.93
CA LEU D 77 -4.89 -34.83 5.86
C LEU D 77 -6.39 -34.84 5.82
N ALA D 78 -7.01 -34.70 4.64
CA ALA D 78 -8.48 -34.67 4.55
C ALA D 78 -9.13 -35.93 5.09
N GLY D 79 -8.55 -37.10 4.82
CA GLY D 79 -9.10 -38.36 5.31
C GLY D 79 -8.96 -38.52 6.81
N ARG D 80 -7.86 -38.00 7.36
CA ARG D 80 -7.64 -38.05 8.80
C ARG D 80 -8.57 -37.09 9.53
N VAL D 81 -8.79 -35.91 8.94
CA VAL D 81 -9.73 -34.95 9.51
C VAL D 81 -11.14 -35.52 9.49
N THR D 82 -11.57 -36.09 8.35
CA THR D 82 -12.89 -36.71 8.23
C THR D 82 -13.07 -37.82 9.26
N GLU D 83 -12.02 -38.63 9.49
CA GLU D 83 -12.08 -39.68 10.50
C GLU D 83 -12.28 -39.07 11.91
N ALA D 84 -11.65 -37.92 12.19
CA ALA D 84 -11.77 -37.21 13.47
C ALA D 84 -13.12 -36.52 13.69
N ILE D 85 -13.62 -35.77 12.69
CA ILE D 85 -14.89 -35.06 12.82
C ILE D 85 -16.13 -35.93 12.49
N GLY D 86 -15.92 -37.09 11.89
CA GLY D 86 -17.00 -37.98 11.51
C GLY D 86 -17.37 -37.77 10.06
N ALA D 87 -17.72 -38.86 9.37
CA ALA D 87 -18.11 -38.81 7.96
C ALA D 87 -19.40 -38.01 7.82
N GLY D 88 -19.49 -37.23 6.77
CA GLY D 88 -20.67 -36.38 6.56
C GLY D 88 -20.50 -35.00 7.17
N ASN D 89 -19.37 -34.74 7.85
CA ASN D 89 -19.06 -33.47 8.45
C ASN D 89 -17.90 -32.83 7.75
N LYS D 90 -17.94 -31.51 7.64
CA LYS D 90 -16.87 -30.77 7.00
C LYS D 90 -16.32 -29.70 7.96
N LEU D 91 -15.18 -29.11 7.62
CA LEU D 91 -14.57 -28.06 8.41
C LEU D 91 -15.18 -26.73 8.03
N ASP D 92 -15.40 -25.89 9.02
CA ASP D 92 -15.83 -24.51 8.83
C ASP D 92 -14.64 -23.54 8.86
N GLY D 93 -13.55 -23.93 9.55
CA GLY D 93 -12.39 -23.06 9.65
C GLY D 93 -11.09 -23.82 9.67
N VAL D 94 -10.04 -23.20 9.16
CA VAL D 94 -8.68 -23.75 9.10
C VAL D 94 -7.74 -22.63 9.50
N VAL D 95 -6.91 -22.88 10.51
CA VAL D 95 -5.92 -21.95 11.02
C VAL D 95 -4.53 -22.52 10.73
N HIS D 96 -3.75 -21.79 9.93
CA HIS D 96 -2.35 -22.05 9.57
C HIS D 96 -1.54 -21.11 10.49
N SER D 97 -0.91 -21.63 11.53
CA SER D 97 -0.10 -20.80 12.44
C SER D 97 1.27 -21.46 12.51
N ILE D 98 1.86 -21.66 11.33
CA ILE D 98 3.11 -22.39 11.11
C ILE D 98 4.12 -21.46 10.43
N GLY D 99 5.34 -21.53 10.92
CA GLY D 99 6.43 -20.77 10.37
C GLY D 99 7.74 -21.41 10.76
N PHE D 100 8.75 -21.24 9.91
CA PHE D 100 10.11 -21.68 10.16
C PHE D 100 11.06 -20.92 9.27
N MET D 101 12.23 -20.65 9.79
CA MET D 101 13.31 -20.09 9.00
C MET D 101 14.59 -20.52 9.67
N PRO D 102 15.50 -21.19 8.95
CA PRO D 102 16.78 -21.55 9.56
C PRO D 102 17.53 -20.32 10.08
N GLN D 103 18.39 -20.53 11.08
CA GLN D 103 19.20 -19.48 11.70
C GLN D 103 19.92 -18.58 10.73
N THR D 104 20.52 -19.14 9.68
CA THR D 104 21.24 -18.36 8.70
C THR D 104 20.43 -17.26 8.05
N GLY D 105 19.12 -17.47 7.91
CA GLY D 105 18.24 -16.46 7.33
C GLY D 105 17.65 -15.49 8.33
N MET D 106 18.16 -15.47 9.58
CA MET D 106 17.64 -14.64 10.67
C MET D 106 18.73 -13.93 11.49
N GLY D 107 18.31 -12.93 12.28
CA GLY D 107 19.11 -12.20 13.25
C GLY D 107 20.32 -11.42 12.78
N ILE D 108 21.46 -11.62 13.47
CA ILE D 108 22.73 -10.97 13.15
C ILE D 108 23.52 -11.67 12.06
N ASN D 109 23.08 -12.84 11.58
CA ASN D 109 23.74 -13.57 10.51
C ASN D 109 23.48 -12.77 9.23
N PRO D 110 24.53 -12.48 8.46
CA PRO D 110 24.33 -11.65 7.26
C PRO D 110 23.23 -12.18 6.32
N PHE D 111 22.40 -11.25 5.84
CA PHE D 111 21.31 -11.55 4.91
C PHE D 111 21.84 -12.27 3.66
N PHE D 112 22.95 -11.76 3.11
CA PHE D 112 23.57 -12.30 1.91
C PHE D 112 24.20 -13.67 2.12
N ASP D 113 24.48 -14.05 3.37
CA ASP D 113 25.13 -15.34 3.64
C ASP D 113 24.13 -16.49 3.86
N ALA D 114 22.81 -16.24 3.82
CA ALA D 114 21.82 -17.31 3.98
C ALA D 114 21.77 -18.10 2.68
N PRO D 115 22.16 -19.39 2.69
CA PRO D 115 22.09 -20.18 1.45
C PRO D 115 20.65 -20.38 1.02
N TYR D 116 20.42 -20.51 -0.31
CA TYR D 116 19.06 -20.68 -0.82
C TYR D 116 18.41 -21.94 -0.27
N ALA D 117 19.14 -23.03 -0.03
CA ALA D 117 18.55 -24.24 0.59
C ALA D 117 17.85 -23.93 1.91
N ASP D 118 18.44 -23.07 2.76
CA ASP D 118 17.84 -22.69 4.03
C ASP D 118 16.66 -21.78 3.80
N VAL D 119 16.80 -20.79 2.93
CA VAL D 119 15.73 -19.86 2.60
C VAL D 119 14.53 -20.59 1.99
N SER D 120 14.79 -21.51 1.04
CA SER D 120 13.78 -22.34 0.39
C SER D 120 13.03 -23.18 1.44
N LYS D 121 13.74 -23.76 2.43
CA LYS D 121 13.08 -24.52 3.49
C LYS D 121 12.10 -23.63 4.26
N GLY D 122 12.55 -22.42 4.60
CA GLY D 122 11.71 -21.45 5.29
C GLY D 122 10.48 -21.04 4.47
N ILE D 123 10.68 -20.74 3.17
CA ILE D 123 9.58 -20.37 2.28
C ILE D 123 8.59 -21.53 2.10
N HIS D 124 9.09 -22.76 2.05
CA HIS D 124 8.26 -23.95 1.98
C HIS D 124 7.27 -24.00 3.18
N ILE D 125 7.83 -24.03 4.39
CA ILE D 125 7.06 -24.14 5.60
C ILE D 125 6.20 -22.91 5.86
N SER D 126 6.77 -21.73 5.73
CA SER D 126 6.10 -20.49 6.09
C SER D 126 5.14 -19.96 5.06
N ALA D 127 5.42 -20.14 3.76
CA ALA D 127 4.56 -19.60 2.72
C ALA D 127 3.86 -20.65 1.84
N TYR D 128 4.61 -21.60 1.24
CA TYR D 128 4.02 -22.58 0.34
C TYR D 128 3.00 -23.44 1.04
N SER D 129 3.26 -23.79 2.32
CA SER D 129 2.36 -24.64 3.11
C SER D 129 0.97 -24.06 3.29
N TYR D 130 0.82 -22.75 3.19
CA TYR D 130 -0.50 -22.12 3.27
C TYR D 130 -1.37 -22.59 2.09
N ALA D 131 -0.76 -22.70 0.89
CA ALA D 131 -1.43 -23.19 -0.32
C ALA D 131 -1.62 -24.70 -0.26
N SER D 132 -0.61 -25.45 0.22
CA SER D 132 -0.72 -26.90 0.28
C SER D 132 -1.74 -27.34 1.33
N MET D 133 -1.89 -26.58 2.44
CA MET D 133 -2.89 -26.88 3.46
C MET D 133 -4.31 -26.56 2.97
N ALA D 134 -4.46 -25.46 2.24
CA ALA D 134 -5.76 -25.11 1.67
C ALA D 134 -6.14 -26.15 0.61
N LYS D 135 -5.16 -26.60 -0.21
CA LYS D 135 -5.44 -27.59 -1.25
C LYS D 135 -5.90 -28.92 -0.60
N ALA D 136 -5.26 -29.29 0.50
CA ALA D 136 -5.60 -30.52 1.20
C ALA D 136 -6.99 -30.42 1.83
N LEU D 137 -7.32 -29.27 2.43
CA LEU D 137 -8.55 -29.10 3.20
C LEU D 137 -9.74 -28.49 2.49
N LEU D 138 -9.60 -27.72 1.38
CA LEU D 138 -10.75 -27.15 0.69
C LEU D 138 -11.80 -28.19 0.30
N PRO D 139 -11.44 -29.38 -0.23
CA PRO D 139 -12.47 -30.39 -0.54
C PRO D 139 -13.34 -30.80 0.66
N ILE D 140 -12.86 -30.56 1.89
CA ILE D 140 -13.63 -30.90 3.08
C ILE D 140 -14.05 -29.67 3.86
N MET D 141 -14.20 -28.52 3.19
CA MET D 141 -14.65 -27.32 3.86
C MET D 141 -16.04 -26.88 3.40
N ASN D 142 -16.87 -26.44 4.33
CA ASN D 142 -18.21 -26.00 4.04
C ASN D 142 -18.23 -24.64 3.39
N PRO D 143 -19.23 -24.37 2.54
CA PRO D 143 -19.42 -23.01 2.03
C PRO D 143 -19.64 -22.05 3.22
N GLY D 144 -19.06 -20.88 3.15
CA GLY D 144 -19.09 -19.93 4.24
C GLY D 144 -17.89 -20.03 5.16
N GLY D 145 -17.03 -21.02 4.90
CA GLY D 145 -15.83 -21.33 5.66
C GLY D 145 -14.74 -20.29 5.61
N SER D 146 -13.72 -20.46 6.44
CA SER D 146 -12.66 -19.48 6.56
C SER D 146 -11.31 -20.12 6.84
N ILE D 147 -10.31 -19.77 6.05
CA ILE D 147 -8.92 -20.20 6.21
C ILE D 147 -8.18 -18.96 6.68
N VAL D 148 -7.40 -19.10 7.74
CA VAL D 148 -6.68 -17.96 8.30
C VAL D 148 -5.24 -18.36 8.57
N GLY D 149 -4.30 -17.57 8.06
CA GLY D 149 -2.87 -17.78 8.33
C GLY D 149 -2.28 -16.63 9.14
N MET D 150 -1.11 -16.84 9.77
CA MET D 150 -0.47 -15.76 10.55
C MET D 150 0.62 -15.07 9.75
N ASP D 151 0.60 -13.75 9.76
CA ASP D 151 1.55 -12.90 9.03
C ASP D 151 2.23 -11.93 10.03
N PHE D 152 3.32 -11.28 9.61
CA PHE D 152 4.00 -10.27 10.40
C PHE D 152 4.38 -9.25 9.33
N ASP D 153 3.71 -8.08 9.33
CA ASP D 153 3.85 -7.04 8.31
C ASP D 153 5.24 -6.94 7.66
N PRO D 154 5.39 -7.50 6.47
CA PRO D 154 6.69 -7.46 5.80
C PRO D 154 6.77 -6.37 4.74
N SER D 155 5.87 -5.34 4.75
CA SER D 155 5.89 -4.29 3.72
CA SER D 155 5.92 -4.34 3.68
C SER D 155 7.16 -3.45 3.73
N ARG D 156 7.83 -3.39 4.86
CA ARG D 156 9.07 -2.64 5.01
C ARG D 156 10.09 -3.58 5.58
N ALA D 157 11.35 -3.43 5.16
CA ALA D 157 12.42 -4.25 5.71
C ALA D 157 12.64 -3.80 7.17
N MET D 158 13.30 -4.64 7.95
CA MET D 158 13.49 -4.38 9.37
C MET D 158 14.69 -5.15 9.86
N PRO D 159 15.29 -4.75 11.00
CA PRO D 159 16.40 -5.54 11.55
C PRO D 159 15.92 -6.95 11.94
N ALA D 160 16.84 -7.94 11.92
CA ALA D 160 16.68 -9.35 12.36
C ALA D 160 15.71 -10.25 11.59
N TYR D 161 14.53 -9.78 11.20
CA TYR D 161 13.54 -10.62 10.52
C TYR D 161 14.06 -11.21 9.21
N ASN D 162 15.01 -10.50 8.55
CA ASN D 162 15.75 -10.95 7.39
C ASN D 162 14.92 -11.79 6.37
N TRP D 163 15.24 -13.06 6.14
CA TRP D 163 14.56 -13.86 5.13
C TRP D 163 13.18 -14.29 5.54
N MET D 164 12.81 -14.24 6.82
CA MET D 164 11.45 -14.54 7.20
C MET D 164 10.50 -13.45 6.67
N THR D 165 10.98 -12.22 6.49
CA THR D 165 10.25 -11.12 5.89
C THR D 165 9.94 -11.44 4.45
N VAL D 166 10.89 -12.08 3.74
CA VAL D 166 10.68 -12.47 2.34
C VAL D 166 9.59 -13.56 2.27
N ALA D 167 9.61 -14.51 3.23
CA ALA D 167 8.65 -15.60 3.32
C ALA D 167 7.28 -15.05 3.62
N LYS D 168 7.17 -14.02 4.48
CA LYS D 168 5.89 -13.38 4.79
C LYS D 168 5.37 -12.59 3.61
N SER D 169 6.27 -11.97 2.82
CA SER D 169 5.86 -11.30 1.59
C SER D 169 5.31 -12.33 0.60
N ALA D 170 5.98 -13.47 0.47
CA ALA D 170 5.52 -14.53 -0.42
C ALA D 170 4.18 -15.08 0.11
N LEU D 171 4.03 -15.23 1.43
CA LEU D 171 2.81 -15.68 2.11
C LEU D 171 1.62 -14.77 1.80
N GLU D 172 1.83 -13.46 1.83
CA GLU D 172 0.77 -12.52 1.49
C GLU D 172 0.29 -12.68 0.06
N SER D 173 1.22 -13.01 -0.86
CA SER D 173 0.90 -13.21 -2.26
C SER D 173 0.15 -14.52 -2.43
N VAL D 174 0.62 -15.59 -1.75
CA VAL D 174 0.01 -16.92 -1.73
C VAL D 174 -1.44 -16.82 -1.26
N ASN D 175 -1.69 -16.11 -0.15
CA ASN D 175 -3.01 -15.89 0.42
C ASN D 175 -3.99 -15.26 -0.59
N ARG D 176 -3.50 -14.35 -1.44
CA ARG D 176 -4.39 -13.71 -2.44
C ARG D 176 -4.81 -14.72 -3.52
N PHE D 177 -3.95 -15.72 -3.79
CA PHE D 177 -4.20 -16.78 -4.75
C PHE D 177 -5.02 -17.89 -4.15
N VAL D 178 -4.84 -18.16 -2.86
CA VAL D 178 -5.66 -19.13 -2.16
C VAL D 178 -7.08 -18.57 -2.07
N ALA D 179 -7.25 -17.25 -1.85
CA ALA D 179 -8.58 -16.62 -1.85
C ALA D 179 -9.33 -16.89 -3.14
N ARG D 180 -8.62 -16.85 -4.30
CA ARG D 180 -9.21 -17.14 -5.63
C ARG D 180 -9.67 -18.58 -5.71
N GLU D 181 -8.87 -19.52 -5.21
CA GLU D 181 -9.23 -20.93 -5.27
C GLU D 181 -10.33 -21.26 -4.28
N ALA D 182 -10.20 -20.75 -3.07
CA ALA D 182 -11.16 -20.97 -1.99
C ALA D 182 -12.51 -20.32 -2.29
N GLY D 183 -12.54 -19.27 -3.11
CA GLY D 183 -13.77 -18.58 -3.46
C GLY D 183 -14.77 -19.49 -4.15
N LYS D 184 -14.24 -20.46 -4.93
CA LYS D 184 -15.01 -21.50 -5.64
C LYS D 184 -15.76 -22.42 -4.65
N TYR D 185 -15.24 -22.57 -3.44
CA TYR D 185 -15.83 -23.33 -2.36
C TYR D 185 -16.68 -22.46 -1.41
N GLY D 186 -16.82 -21.16 -1.70
CA GLY D 186 -17.49 -20.20 -0.83
C GLY D 186 -16.68 -19.96 0.43
N VAL D 187 -15.36 -20.16 0.38
CA VAL D 187 -14.46 -20.03 1.53
C VAL D 187 -13.58 -18.79 1.42
N ARG D 188 -13.42 -18.09 2.54
CA ARG D 188 -12.58 -16.89 2.65
C ARG D 188 -11.19 -17.31 3.09
N SER D 189 -10.17 -16.59 2.63
CA SER D 189 -8.80 -16.87 3.00
C SER D 189 -8.20 -15.54 3.41
N ASN D 190 -7.67 -15.46 4.62
CA ASN D 190 -7.09 -14.19 5.10
C ASN D 190 -5.90 -14.41 6.01
N LEU D 191 -5.08 -13.37 6.21
CA LEU D 191 -3.96 -13.44 7.12
C LEU D 191 -4.18 -12.44 8.24
N VAL D 192 -3.72 -12.79 9.43
CA VAL D 192 -3.77 -11.88 10.56
C VAL D 192 -2.34 -11.44 10.77
N ALA D 193 -2.05 -10.15 10.56
CA ALA D 193 -0.69 -9.64 10.78
C ALA D 193 -0.64 -9.23 12.23
N ALA D 194 -0.04 -10.07 13.07
CA ALA D 194 0.03 -9.81 14.50
C ALA D 194 1.22 -8.96 14.84
N GLY D 195 1.11 -8.20 15.92
CA GLY D 195 2.29 -7.53 16.46
C GLY D 195 3.17 -8.59 17.14
N PRO D 196 4.34 -8.22 17.71
CA PRO D 196 5.21 -9.25 18.33
C PRO D 196 4.62 -9.82 19.62
N ILE D 197 4.75 -11.14 19.79
CA ILE D 197 4.22 -11.95 20.90
C ILE D 197 5.33 -12.92 21.29
N ARG D 198 5.60 -13.04 22.59
CA ARG D 198 6.64 -13.92 23.08
C ARG D 198 6.23 -15.37 22.92
N THR D 199 6.74 -16.02 21.89
CA THR D 199 6.46 -17.42 21.63
C THR D 199 7.82 -18.19 21.54
N LEU D 200 7.79 -19.52 21.39
CA LEU D 200 9.00 -20.31 21.21
C LEU D 200 9.72 -19.86 19.93
N ALA D 201 8.98 -19.53 18.87
CA ALA D 201 9.58 -19.05 17.62
C ALA D 201 10.34 -17.75 17.86
N MET D 202 9.78 -16.82 18.63
CA MET D 202 10.47 -15.58 18.95
C MET D 202 11.76 -15.82 19.73
N SER D 203 11.69 -16.58 20.82
CA SER D 203 12.87 -16.79 21.65
C SER D 203 13.90 -17.71 21.02
N ALA D 204 13.46 -18.85 20.46
CA ALA D 204 14.42 -19.81 19.91
C ALA D 204 14.91 -19.43 18.54
N ILE D 205 14.01 -19.00 17.64
CA ILE D 205 14.41 -18.66 16.28
C ILE D 205 14.93 -17.24 16.16
N VAL D 206 14.13 -16.23 16.50
CA VAL D 206 14.58 -14.86 16.38
C VAL D 206 15.70 -14.56 17.38
N GLY D 207 15.42 -14.85 18.66
CA GLY D 207 16.35 -14.63 19.75
C GLY D 207 17.63 -15.41 19.61
N GLY D 208 17.52 -16.64 19.14
CA GLY D 208 18.69 -17.48 18.92
C GLY D 208 19.60 -16.89 17.85
N ALA D 209 19.00 -16.42 16.75
CA ALA D 209 19.76 -15.83 15.67
C ALA D 209 20.30 -14.43 15.98
N LEU D 210 19.69 -13.74 16.94
CA LEU D 210 20.16 -12.42 17.35
C LEU D 210 21.39 -12.47 18.28
N GLY D 211 21.77 -13.67 18.76
CA GLY D 211 22.92 -13.85 19.63
C GLY D 211 22.85 -13.04 20.90
N GLU D 212 23.97 -12.40 21.26
CA GLU D 212 24.02 -11.57 22.46
C GLU D 212 23.17 -10.31 22.36
N GLU D 213 22.76 -9.91 21.14
CA GLU D 213 21.93 -8.73 20.91
C GLU D 213 20.43 -9.01 21.01
N ALA D 214 20.03 -10.23 21.43
CA ALA D 214 18.62 -10.63 21.53
C ALA D 214 17.80 -9.84 22.56
N GLY D 215 18.24 -9.78 23.82
CA GLY D 215 17.54 -9.09 24.89
C GLY D 215 17.24 -7.63 24.57
N ALA D 216 18.25 -6.91 24.09
CA ALA D 216 18.13 -5.50 23.75
C ALA D 216 17.24 -5.26 22.53
N GLN D 217 17.37 -6.11 21.50
CA GLN D 217 16.59 -5.96 20.29
C GLN D 217 15.10 -6.26 20.54
N ILE D 218 14.82 -7.27 21.36
CA ILE D 218 13.44 -7.64 21.66
C ILE D 218 12.80 -6.60 22.58
N GLN D 219 13.54 -6.10 23.59
CA GLN D 219 13.06 -5.05 24.47
C GLN D 219 12.79 -3.78 23.64
N LEU D 220 13.69 -3.46 22.71
CA LEU D 220 13.56 -2.30 21.82
C LEU D 220 12.33 -2.42 20.91
N LEU D 221 12.02 -3.64 20.48
CA LEU D 221 10.88 -3.96 19.64
C LEU D 221 9.59 -3.77 20.44
N GLU D 222 9.54 -4.30 21.66
CA GLU D 222 8.37 -4.19 22.51
C GLU D 222 8.08 -2.72 22.84
N GLU D 223 9.11 -1.97 23.24
CA GLU D 223 8.92 -0.56 23.57
C GLU D 223 8.50 0.25 22.38
N GLY D 224 9.14 0.02 21.24
CA GLY D 224 8.83 0.72 19.99
C GLY D 224 7.42 0.46 19.51
N TRP D 225 7.04 -0.82 19.50
CA TRP D 225 5.73 -1.25 19.05
C TRP D 225 4.65 -0.66 19.94
N ASP D 226 4.84 -0.75 21.26
CA ASP D 226 3.92 -0.22 22.25
C ASP D 226 3.81 1.31 22.18
N GLN D 227 4.90 2.00 21.81
CA GLN D 227 4.88 3.45 21.70
C GLN D 227 4.11 3.85 20.46
N ARG D 228 4.36 3.20 19.35
CA ARG D 228 3.72 3.47 18.05
C ARG D 228 2.24 3.13 18.04
N ALA D 229 1.86 2.01 18.68
CA ALA D 229 0.46 1.58 18.71
C ALA D 229 -0.41 2.54 19.48
N PRO D 230 -1.43 3.18 18.86
CA PRO D 230 -2.28 4.11 19.63
C PRO D 230 -2.97 3.49 20.83
N ILE D 231 -3.32 2.21 20.75
CA ILE D 231 -3.96 1.53 21.88
C ILE D 231 -2.98 0.66 22.71
N GLY D 232 -1.69 0.79 22.41
CA GLY D 232 -0.64 0.06 23.10
C GLY D 232 -0.46 -1.34 22.58
N TRP D 233 0.55 -2.02 23.12
CA TRP D 233 0.88 -3.37 22.70
C TRP D 233 1.58 -4.06 23.82
N ASN D 234 1.14 -5.25 24.16
CA ASN D 234 1.75 -6.05 25.20
C ASN D 234 2.16 -7.36 24.53
N MET D 235 3.45 -7.55 24.28
CA MET D 235 3.91 -8.77 23.63
C MET D 235 3.79 -10.03 24.49
N LYS D 236 3.37 -9.91 25.75
CA LYS D 236 3.14 -11.10 26.57
C LYS D 236 1.70 -11.64 26.38
N ASP D 237 0.82 -10.89 25.70
CA ASP D 237 -0.57 -11.26 25.56
C ASP D 237 -1.00 -11.63 24.14
N ALA D 238 -1.11 -12.92 23.85
CA ALA D 238 -1.58 -13.38 22.54
C ALA D 238 -3.10 -13.27 22.37
N THR D 239 -3.87 -13.11 23.46
CA THR D 239 -5.34 -13.06 23.40
C THR D 239 -5.89 -12.04 22.37
N PRO D 240 -5.44 -10.76 22.30
CA PRO D 240 -5.98 -9.85 21.26
C PRO D 240 -5.83 -10.44 19.86
N VAL D 241 -4.71 -11.14 19.62
CA VAL D 241 -4.41 -11.74 18.32
C VAL D 241 -5.32 -12.95 18.08
N ALA D 242 -5.47 -13.80 19.11
CA ALA D 242 -6.33 -14.99 19.10
C ALA D 242 -7.76 -14.59 18.77
N LYS D 243 -8.26 -13.51 19.39
CA LYS D 243 -9.61 -12.99 19.16
C LYS D 243 -9.81 -12.49 17.75
N THR D 244 -8.77 -11.91 17.16
CA THR D 244 -8.83 -11.40 15.79
C THR D 244 -8.93 -12.59 14.83
N VAL D 245 -8.19 -13.68 15.08
CA VAL D 245 -8.30 -14.87 14.25
C VAL D 245 -9.70 -15.46 14.35
N CYS D 246 -10.29 -15.47 15.58
CA CYS D 246 -11.64 -15.97 15.78
C CYS D 246 -12.68 -15.11 15.09
N ALA D 247 -12.49 -13.80 15.03
CA ALA D 247 -13.38 -12.92 14.27
C ALA D 247 -13.36 -13.32 12.79
N LEU D 248 -12.16 -13.66 12.27
CA LEU D 248 -12.02 -14.08 10.89
C LEU D 248 -12.60 -15.46 10.63
N LEU D 249 -12.51 -16.35 11.60
CA LEU D 249 -13.10 -17.68 11.50
C LEU D 249 -14.62 -17.64 11.59
N SER D 250 -15.19 -16.61 12.21
CA SER D 250 -16.61 -16.46 12.39
C SER D 250 -17.31 -15.91 11.14
N ASP D 251 -18.64 -15.83 11.17
CA ASP D 251 -19.41 -15.27 10.06
C ASP D 251 -19.53 -13.75 10.14
N TRP D 252 -18.73 -13.09 10.99
CA TRP D 252 -18.78 -11.65 11.19
C TRP D 252 -17.88 -10.84 10.31
N LEU D 253 -17.01 -11.48 9.54
CA LEU D 253 -16.25 -10.80 8.49
C LEU D 253 -16.53 -11.59 7.21
N PRO D 254 -17.80 -11.66 6.74
CA PRO D 254 -18.12 -12.55 5.62
C PRO D 254 -17.78 -11.99 4.26
N ALA D 255 -17.38 -10.72 4.18
CA ALA D 255 -17.09 -10.09 2.90
C ALA D 255 -15.59 -9.82 2.74
N THR D 256 -14.73 -10.51 3.53
CA THR D 256 -13.31 -10.24 3.47
C THR D 256 -12.53 -11.50 3.07
N THR D 257 -11.80 -11.41 1.97
CA THR D 257 -10.96 -12.52 1.51
C THR D 257 -9.75 -11.94 0.74
N GLY D 258 -8.68 -12.73 0.69
CA GLY D 258 -7.41 -12.32 0.09
C GLY D 258 -6.76 -11.18 0.85
N ASP D 259 -7.23 -10.92 2.08
CA ASP D 259 -6.83 -9.79 2.86
C ASP D 259 -5.99 -10.07 4.07
N ILE D 260 -5.45 -8.99 4.66
CA ILE D 260 -4.63 -9.00 5.86
C ILE D 260 -5.30 -8.11 6.88
N ILE D 261 -5.62 -8.63 8.04
CA ILE D 261 -6.21 -7.85 9.10
C ILE D 261 -5.10 -7.66 10.14
N TYR D 262 -4.82 -6.43 10.54
CA TYR D 262 -3.74 -6.12 11.47
C TYR D 262 -4.16 -6.11 12.91
N ALA D 263 -3.65 -7.06 13.67
CA ALA D 263 -3.90 -7.16 15.09
C ALA D 263 -2.56 -6.77 15.69
N ASP D 264 -2.22 -5.48 15.59
CA ASP D 264 -0.92 -4.97 16.00
C ASP D 264 -0.97 -3.72 16.88
N GLY D 265 -2.12 -3.42 17.47
CA GLY D 265 -2.30 -2.23 18.28
C GLY D 265 -2.42 -0.95 17.45
N GLY D 266 -2.45 -1.07 16.12
CA GLY D 266 -2.48 0.08 15.22
C GLY D 266 -1.09 0.57 14.83
N ALA D 267 -0.02 -0.14 15.28
CA ALA D 267 1.39 0.20 15.04
C ALA D 267 1.72 0.50 13.58
N HIS D 268 1.28 -0.35 12.65
CA HIS D 268 1.60 -0.14 11.22
C HIS D 268 0.96 1.11 10.61
N THR D 269 -0.01 1.73 11.30
CA THR D 269 -0.67 2.94 10.80
C THR D 269 -0.01 4.23 11.29
N GLN D 270 1.03 4.10 12.13
CA GLN D 270 1.71 5.20 12.78
C GLN D 270 3.21 5.16 12.49
N LEU D 271 3.77 6.33 12.19
CA LEU D 271 5.19 6.48 11.92
C LEU D 271 5.92 6.54 13.28
N LEU D 272 5.52 7.47 14.13
CA LEU D 272 6.11 7.61 15.45
C LEU D 272 5.00 7.79 16.48
PA NAD E . 13.38 -12.78 -21.23
O1A NAD E . 13.96 -12.00 -22.34
O2A NAD E . 12.93 -14.17 -21.45
O5B NAD E . 14.35 -12.67 -19.98
C5B NAD E . 14.32 -13.63 -18.90
C4B NAD E . 15.79 -13.84 -18.63
O4B NAD E . 16.00 -14.64 -17.45
C3B NAD E . 16.52 -14.54 -19.77
O3B NAD E . 17.54 -13.71 -20.31
C2B NAD E . 17.08 -15.80 -19.12
O2B NAD E . 18.36 -16.21 -19.60
C1B NAD E . 17.20 -15.34 -17.69
N9A NAD E . 17.36 -16.42 -16.74
C8A NAD E . 16.49 -17.45 -16.50
N7A NAD E . 16.97 -18.37 -15.69
C5A NAD E . 18.24 -17.91 -15.40
C6A NAD E . 19.28 -18.43 -14.60
N6A NAD E . 19.20 -19.57 -13.92
N1A NAD E . 20.43 -17.72 -14.53
C2A NAD E . 20.53 -16.58 -15.20
N3A NAD E . 19.62 -15.99 -15.98
C4A NAD E . 18.49 -16.70 -16.04
O3 NAD E . 12.12 -12.01 -20.61
PN NAD E . 11.85 -10.56 -20.01
O1N NAD E . 10.41 -10.32 -20.12
O2N NAD E . 12.82 -9.60 -20.60
O5D NAD E . 12.17 -10.87 -18.48
C5D NAD E . 13.26 -10.25 -17.78
C4D NAD E . 12.81 -9.78 -16.42
O4D NAD E . 11.78 -8.79 -16.57
C3D NAD E . 12.22 -10.85 -15.49
O3D NAD E . 12.59 -10.56 -14.13
C2D NAD E . 10.72 -10.61 -15.62
O2D NAD E . 9.92 -11.27 -14.66
C1D NAD E . 10.73 -9.09 -15.69
N1N NAD E . 9.46 -8.49 -16.22
C2N NAD E . 9.05 -8.78 -17.47
C3N NAD E . 7.88 -8.21 -17.96
C7N NAD E . 7.34 -8.47 -19.32
O7N NAD E . 6.21 -8.12 -19.57
N7N NAD E . 8.13 -9.04 -20.21
C4N NAD E . 7.16 -7.36 -17.14
C5N NAD E . 7.61 -7.09 -15.86
C6N NAD E . 8.76 -7.70 -15.41
N1 VZR F . 1.22 -12.11 -19.02
C2 VZR F . 4.98 -10.61 -17.76
C4 VZR F . 1.94 -11.48 -17.03
C5 VZR F . 1.09 -12.33 -17.68
C7 VZR F . -1.50 -11.92 -16.39
C8 VZR F . -2.59 -12.07 -17.22
C9 VZR F . -3.58 -11.11 -17.18
C10 VZR F . -5.69 -10.39 -18.08
C11 VZR F . -5.61 -9.24 -17.22
C12 VZR F . -4.58 -9.04 -16.37
C13 VZR F . -4.53 -7.81 -15.50
C15 VZR F . -2.37 -9.86 -15.54
C16 VZR F . -1.37 -10.82 -15.57
C18 VZR F . 6.66 -12.07 -18.70
C19 VZR F . 7.35 -12.04 -17.49
C20 VZR F . 8.57 -13.97 -16.76
C21 VZR F . 9.80 -14.58 -16.57
C22 VZR F . 9.84 -15.85 -16.02
C23 VZR F . 8.67 -16.50 -15.66
O3 VZR F . -6.57 -10.62 -18.89
O2 VZR F . -4.65 -11.30 -18.02
C14 VZR F . -3.50 -10.00 -16.34
O1 VZR F . -0.57 -12.89 -16.09
C6 VZR F . 0.23 -13.41 -17.15
N2 VZR F . 2.11 -11.17 -19.21
N VZR F . 2.56 -10.80 -18.00
C3 VZR F . 3.67 -9.87 -17.90
C1 VZR F . 5.67 -10.60 -16.56
C17 VZR F . 5.48 -11.36 -18.82
C VZR F . 6.85 -11.32 -16.41
O VZR F . 7.46 -11.36 -15.20
O4 VZR F . 8.56 -12.69 -17.31
C25 VZR F . 7.39 -14.61 -16.42
C24 VZR F . 7.45 -15.88 -15.86
PA NAD G . -26.95 6.91 2.03
O1A NAD G . -27.92 5.90 2.50
O2A NAD G . -27.43 8.00 1.14
O5B NAD G . -26.25 7.52 3.32
C5B NAD G . -25.58 8.78 3.29
C4B NAD G . -25.97 9.47 4.57
O4B NAD G . -25.16 10.64 4.80
C3B NAD G . -27.44 9.92 4.64
O3B NAD G . -27.99 9.53 5.90
C2B NAD G . -27.32 11.43 4.58
O2B NAD G . -28.41 12.07 5.24
C1B NAD G . -26.03 11.60 5.35
N9A NAD G . -25.42 12.92 5.30
C8A NAD G . -25.22 13.73 4.21
N7A NAD G . -24.88 14.96 4.52
C5A NAD G . -24.85 14.96 5.91
C6A NAD G . -24.65 15.98 6.85
N6A NAD G . -24.42 17.27 6.54
N1A NAD G . -24.78 15.66 8.16
C2A NAD G . -25.09 14.41 8.49
N3A NAD G . -25.31 13.37 7.68
C4A NAD G . -25.18 13.71 6.41
O3 NAD G . -25.71 6.21 1.31
PN NAD G . -24.69 5.09 1.83
O1N NAD G . -24.20 4.38 0.64
O2N NAD G . -25.33 4.36 2.94
O5D NAD G . -23.51 6.01 2.38
C5D NAD G . -23.11 5.91 3.76
C4D NAD G . -21.61 5.97 3.82
O4D NAD G . -21.06 4.76 3.23
C3D NAD G . -20.98 7.13 3.04
O3D NAD G . -19.87 7.62 3.77
C2D NAD G . -20.50 6.48 1.76
O2D NAD G . -19.40 7.15 1.16
C1D NAD G . -20.05 5.12 2.32
N1N NAD G . -19.92 4.04 1.28
C2N NAD G . -20.95 3.73 0.49
C3N NAD G . -20.84 2.70 -0.43
C7N NAD G . -21.96 2.32 -1.35
O7N NAD G . -21.72 1.59 -2.31
N7N NAD G . -23.16 2.80 -1.09
C4N NAD G . -19.63 2.02 -0.51
C5N NAD G . -18.59 2.34 0.34
C6N NAD G . -18.75 3.36 1.24
N1 VZR H . -20.59 4.18 -8.01
C2 VZR H . -20.29 4.10 -3.83
C4 VZR H . -18.80 4.40 -6.73
C5 VZR H . -19.36 4.74 -7.92
C7 VZR H . -17.10 3.99 -9.61
C8 VZR H . -17.49 3.51 -10.85
C9 VZR H . -16.98 2.30 -11.29
C10 VZR H . -16.97 0.66 -13.04
C11 VZR H . -16.05 -0.11 -12.25
C12 VZR H . -15.61 0.30 -11.04
C13 VZR H . -14.67 -0.55 -10.24
C15 VZR H . -15.70 2.07 -9.27
C16 VZR H . -16.22 3.28 -8.81
C18 VZR H . -22.13 5.45 -3.07
C19 VZR H . -21.30 6.05 -2.14
C20 VZR H . -21.54 8.35 -1.51
C21 VZR H . -21.97 9.26 -0.54
C22 VZR H . -21.95 10.60 -0.85
C23 VZR H . -21.48 11.05 -2.07
O3 VZR H . -17.42 0.35 -14.12
O2 VZR H . -17.41 1.86 -12.51
C14 VZR H . -16.08 1.56 -10.52
O1 VZR H . -17.45 5.24 -9.17
C6 VZR H . -18.81 5.57 -9.03
N2 VZR H . -20.82 3.49 -6.91
N VZR H . -19.73 3.63 -6.13
C3 VZR H . -19.73 3.08 -4.80
C1 VZR H . -19.46 4.70 -2.90
C17 VZR H . -21.61 4.49 -3.92
C VZR H . -19.95 5.68 -2.06
O VZR H . -19.11 6.29 -1.19
O4 VZR H . -21.76 7.00 -1.24
C25 VZR H . -21.05 8.78 -2.73
C24 VZR H . -21.02 10.14 -3.00
PA NAD I . 8.57 26.70 1.44
O1A NAD I . 9.87 27.02 0.80
O2A NAD I . 8.09 27.52 2.57
O5B NAD I . 7.49 26.66 0.27
C5B NAD I . 6.07 26.66 0.49
C4B NAD I . 5.59 27.56 -0.63
O4B NAD I . 4.15 27.52 -0.74
C3B NAD I . 5.98 29.03 -0.48
O3B NAD I . 6.70 29.46 -1.63
C2B NAD I . 4.64 29.75 -0.42
O2B NAD I . 4.65 31.05 -0.99
C1B NAD I . 3.78 28.79 -1.20
N9A NAD I . 2.35 28.97 -0.99
C8A NAD I . 1.68 29.08 0.19
N7A NAD I . 0.43 29.44 0.07
C5A NAD I . 0.26 29.59 -1.29
C6A NAD I . -0.82 30.04 -2.08
N6A NAD I . -1.98 30.43 -1.57
N1A NAD I . -0.63 30.13 -3.42
C2A NAD I . 0.56 29.81 -3.92
N3A NAD I . 1.65 29.37 -3.29
C4A NAD I . 1.43 29.30 -1.97
O3 NAD I . 8.59 25.16 1.88
PN NAD I . 8.92 23.81 1.10
O1N NAD I . 9.21 22.77 2.11
O2N NAD I . 9.90 24.06 0.01
O5D NAD I . 7.51 23.49 0.47
C5D NAD I . 7.40 23.13 -0.91
C4D NAD I . 6.48 21.94 -1.06
O4D NAD I . 7.20 20.74 -0.72
C3D NAD I . 5.23 21.93 -0.19
O3D NAD I . 4.17 21.34 -0.92
C2D NAD I . 5.64 21.01 0.97
O2D NAD I . 4.54 20.46 1.68
C1D NAD I . 6.46 19.99 0.19
N1N NAD I . 7.38 19.16 1.02
C2N NAD I . 8.29 19.76 1.82
C3N NAD I . 9.13 18.99 2.60
C7N NAD I . 10.11 19.59 3.55
O7N NAD I . 10.68 18.86 4.34
N7N NAD I . 10.31 20.91 3.50
C4N NAD I . 9.05 17.61 2.51
C5N NAD I . 8.13 17.03 1.67
C6N NAD I . 7.29 17.83 0.93
N1 VZR J . 8.42 18.13 10.18
C2 VZR J . 7.92 18.66 6.09
C4 VZR J . 7.16 17.04 8.74
C5 VZR J . 7.23 17.50 10.02
C7 VZR J . 6.88 15.21 11.70
C8 VZR J . 7.55 15.46 12.90
C9 VZR J . 8.24 14.43 13.50
C10 VZR J . 9.53 13.76 15.41
C11 VZR J . 9.60 12.43 14.83
C12 VZR J . 9.01 12.12 13.66
C13 VZR J . 9.06 10.72 13.11
C15 VZR J . 7.69 12.95 11.69
C16 VZR J . 6.99 13.97 11.08
C18 VZR J . 7.69 21.03 5.75
C19 VZR J . 6.66 20.81 4.85
C20 VZR J . 4.83 22.31 4.63
C21 VZR J . 4.20 23.32 3.92
C22 VZR J . 3.02 23.87 4.41
C23 VZR J . 2.46 23.38 5.58
O3 VZR J . 9.98 14.09 16.48
O2 VZR J . 8.84 14.72 14.70
C14 VZR J . 8.31 13.15 12.93
O1 VZR J . 5.90 16.05 11.26
C6 VZR J . 6.23 17.42 11.12
N2 VZR J . 9.08 18.09 9.05
N VZR J . 8.29 17.46 8.16
C3 VZR J . 8.63 17.49 6.74
C1 VZR J . 6.89 18.44 5.19
C17 VZR J . 8.29 19.96 6.37
C VZR J . 6.25 19.51 4.58
O VZR J . 5.18 19.26 3.78
O4 VZR J . 6.04 21.83 4.16
C25 VZR J . 4.27 21.83 5.80
C24 VZR J . 3.08 22.37 6.28
PA NAD K . 5.48 -21.05 17.56
O1A NAD K . 4.58 -21.29 18.71
O2A NAD K . 6.86 -21.58 17.62
O5B NAD K . 4.73 -21.52 16.24
C5B NAD K . 5.45 -21.96 15.06
C4B NAD K . 4.85 -23.30 14.74
O4B NAD K . 5.27 -23.75 13.43
C3B NAD K . 5.22 -24.43 15.72
O3B NAD K . 4.04 -25.04 16.20
C2B NAD K . 6.01 -25.41 14.85
O2B NAD K . 5.93 -26.76 15.29
C1B NAD K . 5.34 -25.16 13.51
N9A NAD K . 6.07 -25.68 12.35
C8A NAD K . 7.37 -25.44 12.02
N7A NAD K . 7.78 -26.13 10.98
C5A NAD K . 6.67 -26.88 10.61
C6A NAD K . 6.46 -27.86 9.62
N6A NAD K . 7.44 -28.38 8.88
N1A NAD K . 5.24 -28.42 9.54
C2A NAD K . 4.30 -28.05 10.42
N3A NAD K . 4.38 -27.15 11.40
C4A NAD K . 5.60 -26.60 11.45
O3 NAD K . 5.56 -19.49 17.23
PN NAD K . 4.43 -18.42 16.83
O1N NAD K . 4.98 -17.06 17.04
O2N NAD K . 3.17 -18.83 17.50
O5D NAD K . 4.35 -18.62 15.27
C5D NAD K . 3.16 -19.13 14.62
C4D NAD K . 2.88 -18.26 13.41
O4D NAD K . 2.64 -16.90 13.83
C3D NAD K . 4.01 -18.19 12.38
O3D NAD K . 3.46 -18.17 11.07
C2D NAD K . 4.66 -16.84 12.71
O2D NAD K . 5.49 -16.31 11.68
C1D NAD K . 3.40 -16.05 13.04
N1N NAD K . 3.64 -14.77 13.77
C2N NAD K . 4.20 -14.76 15.00
C3N NAD K . 4.36 -13.57 15.69
C7N NAD K . 5.05 -13.45 17.01
O7N NAD K . 5.40 -12.35 17.39
N7N NAD K . 5.26 -14.55 17.73
C4N NAD K . 3.91 -12.40 15.11
C5N NAD K . 3.38 -12.42 13.83
C6N NAD K . 3.24 -13.63 13.18
N1 VZR L . 11.16 -10.23 16.76
C2 VZR L . 7.89 -12.31 15.23
C4 VZR L . 10.13 -9.97 14.82
C5 VZR L . 11.34 -9.91 15.44
C7 VZR L . 12.32 -7.38 14.32
C8 VZR L . 13.16 -6.79 15.25
C9 VZR L . 13.00 -5.44 15.50
C10 VZR L . 13.76 -3.56 16.81
C11 VZR L . 12.78 -2.76 16.12
C12 VZR L . 11.95 -3.26 15.18
C13 VZR L . 11.01 -2.36 14.43
C15 VZR L . 11.18 -5.31 13.96
C16 VZR L . 11.33 -6.66 13.70
C18 VZR L . 8.26 -14.63 15.82
C19 VZR L . 7.75 -15.02 14.59
C20 VZR L . 8.57 -16.96 13.48
C21 VZR L . 8.36 -18.27 13.07
C22 VZR L . 9.28 -18.86 12.23
C23 VZR L . 10.39 -18.17 11.78
O3 VZR L . 14.48 -3.19 17.71
O2 VZR L . 13.85 -4.89 16.45
C14 VZR L . 12.03 -4.67 14.86
O1 VZR L . 12.58 -8.66 13.89
C6 VZR L . 12.69 -9.67 14.87
N2 VZR L . 9.90 -10.50 16.96
N VZR L . 9.27 -10.37 15.78
C3 VZR L . 7.91 -10.85 15.62
C1 VZR L . 7.39 -12.71 14.01
C17 VZR L . 8.34 -13.27 16.13
C VZR L . 7.32 -14.05 13.67
O VZR L . 6.87 -14.42 12.44
O4 VZR L . 7.59 -16.35 14.26
C25 VZR L . 9.71 -16.27 13.07
C24 VZR L . 10.61 -16.88 12.21
#